data_3BTV
#
_entry.id   3BTV
#
_cell.length_a   87.087
_cell.length_b   103.947
_cell.length_c   106.179
_cell.angle_alpha   90.00
_cell.angle_beta   90.00
_cell.angle_gamma   90.00
#
_symmetry.space_group_name_H-M   'P 21 21 2'
#
loop_
_entity.id
_entity.type
_entity.pdbx_description
1 polymer 'Galactose/lactose metabolism regulatory protein GAL80'
2 water water
#
_entity_poly.entity_id   1
_entity_poly.type   'polypeptide(L)'
_entity_poly.pdbx_seq_one_letter_code
;GSHMDYNKRSSVSTVPNAAPIRVGFVGLNAAKGWAIKTHYPAILQLSSQFQITALYSPKIETSIATIQRLKLSNATAFPT
LESFASSSTIDMIVIAIQVASHYEVVMPLLEFSKNNPNLKYLFVEWALACSLDQAESIYKAAAERGVQTIISLQGRKSPY
ILRAKELISQGYIGDINSIEIAGNGGWYGYERPVKSPKYIYEIGNGVDLVTTTFGHTIDILQYMTSSYFSRINAMVFNNI
PEQELIDERGNRLGQRVPKTVPDHLLFQGTLLNGNVPVSCSFKGGKPTKKFTKNLVIDIHGTKRDLKLEGDAGFAEISNL
VLYYSGTRANDFPLANGQQAPLDPGYDAGKEIMEVYHLRNYNAIVGNIHRLYQSISDFHFNTKKIPELPSQFVMQGFDFE
GFPTLMDALILHRLIESVYKSNMMGSTLNVSNISHYSL
;
_entity_poly.pdbx_strand_id   A,B
#
# COMPACT_ATOMS: atom_id res chain seq x y z
N ALA A 19 43.90 -2.30 25.31
CA ALA A 19 43.28 -1.00 25.59
C ALA A 19 41.78 -1.05 25.28
N PRO A 20 40.97 -1.48 26.27
CA PRO A 20 39.51 -1.65 26.14
C PRO A 20 38.81 -0.30 26.10
N ILE A 21 37.90 -0.13 25.14
CA ILE A 21 37.13 1.10 25.05
C ILE A 21 36.35 1.36 26.33
N ARG A 22 36.58 2.52 26.93
CA ARG A 22 35.96 2.88 28.21
C ARG A 22 34.61 3.56 27.97
N VAL A 23 33.57 3.02 28.58
CA VAL A 23 32.22 3.43 28.25
C VAL A 23 31.51 4.15 29.37
N GLY A 24 31.13 5.40 29.08
CA GLY A 24 30.31 6.17 29.99
C GLY A 24 28.86 6.08 29.61
N PHE A 25 28.01 5.71 30.56
CA PHE A 25 26.64 5.39 30.24
C PHE A 25 25.61 6.28 30.93
N VAL A 26 24.72 6.88 30.14
CA VAL A 26 23.58 7.59 30.68
C VAL A 26 22.30 6.83 30.33
N GLY A 27 21.60 6.32 31.34
CA GLY A 27 20.35 5.63 31.12
C GLY A 27 20.43 4.14 31.38
N LEU A 28 21.53 3.70 31.98
CA LEU A 28 21.66 2.29 32.37
C LEU A 28 21.19 2.06 33.80
N ASN A 29 20.23 1.16 33.96
CA ASN A 29 19.70 0.85 35.28
C ASN A 29 19.47 -0.64 35.44
N ALA A 30 20.21 -1.25 36.36
CA ALA A 30 20.18 -2.70 36.52
C ALA A 30 18.80 -3.24 36.88
N ALA A 31 17.93 -2.38 37.40
CA ALA A 31 16.60 -2.81 37.84
C ALA A 31 15.46 -2.40 36.91
N LYS A 32 15.73 -1.42 36.03
CA LYS A 32 14.68 -0.86 35.21
C LYS A 32 15.25 -0.33 33.88
N GLY A 33 14.39 -0.25 32.86
CA GLY A 33 14.79 0.27 31.58
C GLY A 33 15.19 -0.78 30.57
N TRP A 34 15.54 -0.35 29.36
CA TRP A 34 15.89 -1.29 28.30
C TRP A 34 17.38 -1.33 27.97
N ALA A 35 18.15 -0.36 28.47
CA ALA A 35 19.59 -0.40 28.26
C ALA A 35 20.11 -1.67 28.93
N ILE A 36 19.51 -2.02 30.07
CA ILE A 36 19.96 -3.19 30.83
C ILE A 36 19.66 -4.45 30.03
N LYS A 37 18.64 -4.38 29.19
CA LYS A 37 18.18 -5.54 28.41
C LYS A 37 18.81 -5.66 27.01
N THR A 38 19.45 -4.61 26.52
CA THR A 38 19.99 -4.63 25.16
C THR A 38 21.47 -4.26 25.13
N HIS A 39 21.77 -3.02 25.50
CA HIS A 39 23.16 -2.58 25.55
C HIS A 39 24.00 -3.41 26.51
N TYR A 40 23.49 -3.65 27.72
CA TYR A 40 24.31 -4.32 28.73
C TYR A 40 24.78 -5.72 28.32
N PRO A 41 23.82 -6.60 27.94
CA PRO A 41 24.22 -7.94 27.50
C PRO A 41 25.32 -7.90 26.45
N ALA A 42 25.21 -6.99 25.49
CA ALA A 42 26.22 -6.83 24.44
C ALA A 42 27.60 -6.50 25.01
N ILE A 43 27.67 -5.44 25.82
CA ILE A 43 28.94 -5.03 26.43
C ILE A 43 29.50 -6.11 27.33
N LEU A 44 28.62 -6.89 27.94
CA LEU A 44 29.03 -7.95 28.86
C LEU A 44 29.81 -9.04 28.09
N GLN A 45 29.34 -9.34 26.89
CA GLN A 45 29.91 -10.40 26.08
C GLN A 45 31.23 -9.97 25.43
N LEU A 46 31.33 -8.68 25.14
CA LEU A 46 32.54 -8.12 24.54
C LEU A 46 33.36 -7.41 25.63
N SER A 47 33.47 -8.09 26.77
CA SER A 47 34.16 -7.57 27.93
C SER A 47 35.58 -7.11 27.59
N SER A 48 36.16 -7.70 26.56
CA SER A 48 37.51 -7.35 26.14
C SER A 48 37.51 -5.98 25.47
N GLN A 49 36.69 -5.83 24.45
CA GLN A 49 36.65 -4.62 23.64
C GLN A 49 36.01 -3.42 24.36
N PHE A 50 35.19 -3.67 25.37
CA PHE A 50 34.46 -2.60 26.04
C PHE A 50 34.50 -2.75 27.56
N GLN A 51 34.62 -1.62 28.24
CA GLN A 51 34.53 -1.57 29.70
C GLN A 51 33.77 -0.33 30.17
N ILE A 52 32.81 -0.53 31.07
CA ILE A 52 32.04 0.57 31.62
C ILE A 52 32.78 1.23 32.77
N THR A 53 33.39 2.38 32.49
CA THR A 53 34.22 3.08 33.47
C THR A 53 33.48 4.24 34.13
N ALA A 54 32.34 4.60 33.57
CA ALA A 54 31.56 5.72 34.10
C ALA A 54 30.07 5.47 33.96
N LEU A 55 29.29 6.14 34.78
CA LEU A 55 27.85 5.94 34.81
C LEU A 55 27.21 7.18 35.42
N TYR A 56 26.09 7.64 34.86
CA TYR A 56 25.40 8.80 35.41
C TYR A 56 23.89 8.75 35.31
N SER A 57 23.24 9.28 36.32
CA SER A 57 21.81 9.51 36.29
C SER A 57 21.48 10.54 37.37
N PRO A 58 20.30 11.17 37.26
CA PRO A 58 19.90 12.16 38.28
C PRO A 58 20.02 11.59 39.68
N LYS A 59 19.28 10.51 39.96
CA LYS A 59 19.39 9.82 41.24
C LYS A 59 20.70 9.04 41.33
N ILE A 60 21.74 9.70 41.84
CA ILE A 60 23.07 9.09 41.94
C ILE A 60 23.05 7.72 42.60
N GLU A 61 21.98 7.44 43.35
CA GLU A 61 21.83 6.16 44.01
C GLU A 61 21.82 4.99 43.02
N THR A 62 20.82 4.97 42.15
CA THR A 62 20.68 3.88 41.18
C THR A 62 21.93 3.63 40.35
N SER A 63 22.69 4.69 40.10
CA SER A 63 23.99 4.53 39.46
C SER A 63 24.87 3.64 40.34
N ILE A 64 25.09 4.09 41.57
CA ILE A 64 25.86 3.33 42.55
C ILE A 64 25.27 1.93 42.72
N ALA A 65 23.95 1.88 42.86
CA ALA A 65 23.26 0.60 42.98
C ALA A 65 23.63 -0.32 41.83
N THR A 66 23.53 0.20 40.62
CA THR A 66 23.77 -0.57 39.41
C THR A 66 25.22 -1.02 39.31
N ILE A 67 26.15 -0.12 39.66
CA ILE A 67 27.56 -0.43 39.58
C ILE A 67 27.86 -1.59 40.52
N GLN A 68 27.07 -1.68 41.58
CA GLN A 68 27.25 -2.73 42.56
C GLN A 68 26.52 -3.99 42.10
N ARG A 69 25.24 -3.84 41.80
CA ARG A 69 24.38 -4.96 41.42
C ARG A 69 24.90 -5.68 40.18
N LEU A 70 25.79 -5.04 39.44
CA LEU A 70 26.33 -5.63 38.23
C LEU A 70 27.80 -5.95 38.34
N LYS A 71 28.42 -5.56 39.45
CA LYS A 71 29.84 -5.81 39.68
C LYS A 71 30.72 -5.08 38.67
N LEU A 72 30.43 -3.81 38.43
CA LEU A 72 31.21 -3.00 37.50
C LEU A 72 32.38 -2.34 38.23
N SER A 73 33.43 -3.12 38.47
CA SER A 73 34.53 -2.69 39.32
C SER A 73 35.40 -1.60 38.71
N ASN A 74 35.05 -1.14 37.52
CA ASN A 74 35.78 -0.03 36.89
C ASN A 74 34.93 1.21 36.77
N ALA A 75 33.63 1.06 37.03
CA ALA A 75 32.67 2.15 36.88
C ALA A 75 32.54 2.97 38.15
N THR A 76 32.65 4.28 38.00
CA THR A 76 32.41 5.20 39.11
C THR A 76 31.16 6.02 38.81
N ALA A 77 30.32 6.23 39.83
CA ALA A 77 29.06 6.93 39.65
C ALA A 77 29.22 8.44 39.83
N PHE A 78 29.19 9.17 38.72
CA PHE A 78 29.35 10.62 38.75
C PHE A 78 28.11 11.33 39.27
N PRO A 79 28.32 12.43 40.01
CA PRO A 79 27.25 13.18 40.69
C PRO A 79 26.51 14.10 39.75
N THR A 80 27.24 14.77 38.87
CA THR A 80 26.65 15.73 37.95
C THR A 80 26.91 15.32 36.51
N LEU A 81 26.10 15.85 35.60
CA LEU A 81 26.34 15.63 34.19
C LEU A 81 27.69 16.23 33.82
N GLU A 82 28.00 17.37 34.45
CA GLU A 82 29.26 18.06 34.18
C GLU A 82 30.47 17.21 34.52
N SER A 83 30.50 16.65 35.72
CA SER A 83 31.58 15.78 36.12
C SER A 83 31.67 14.58 35.17
N PHE A 84 30.53 13.93 34.94
CA PHE A 84 30.45 12.81 34.01
C PHE A 84 31.10 13.15 32.68
N ALA A 85 30.61 14.21 32.04
CA ALA A 85 31.05 14.58 30.69
C ALA A 85 32.50 15.06 30.63
N SER A 86 32.98 15.61 31.73
CA SER A 86 34.33 16.17 31.79
C SER A 86 35.37 15.07 32.00
N SER A 87 34.99 14.03 32.73
CA SER A 87 35.90 12.93 33.02
C SER A 87 36.71 12.50 31.80
N SER A 88 37.95 12.07 32.05
CA SER A 88 38.81 11.61 30.98
C SER A 88 38.94 10.11 30.99
N THR A 89 38.20 9.46 31.90
CA THR A 89 38.18 8.02 31.98
C THR A 89 37.23 7.43 30.95
N ILE A 90 36.65 8.30 30.11
CA ILE A 90 35.62 7.90 29.17
C ILE A 90 36.04 8.07 27.71
N ASP A 91 35.85 7.01 26.92
CA ASP A 91 36.19 7.03 25.51
C ASP A 91 34.93 7.10 24.65
N MET A 92 33.91 6.38 25.06
CA MET A 92 32.64 6.38 24.35
C MET A 92 31.47 6.67 25.28
N ILE A 93 30.71 7.71 24.95
CA ILE A 93 29.49 8.01 25.70
C ILE A 93 28.26 7.41 25.01
N VAL A 94 27.43 6.73 25.78
CA VAL A 94 26.20 6.15 25.28
C VAL A 94 25.03 6.83 25.96
N ILE A 95 24.08 7.34 25.17
CA ILE A 95 22.88 7.96 25.71
C ILE A 95 21.67 7.04 25.44
N ALA A 96 21.13 6.45 26.49
CA ALA A 96 20.01 5.55 26.33
C ALA A 96 18.88 5.99 27.26
N ILE A 97 18.41 7.21 27.05
CA ILE A 97 17.32 7.78 27.80
C ILE A 97 16.20 8.10 26.81
N GLN A 98 15.04 8.48 27.32
CA GLN A 98 13.91 8.81 26.45
C GLN A 98 14.26 9.92 25.46
N VAL A 99 13.74 9.80 24.24
CA VAL A 99 14.05 10.76 23.18
C VAL A 99 13.76 12.18 23.65
N ALA A 100 12.68 12.38 24.39
CA ALA A 100 12.32 13.73 24.86
C ALA A 100 13.41 14.39 25.70
N SER A 101 14.34 13.61 26.24
CA SER A 101 15.43 14.14 27.05
C SER A 101 16.76 14.26 26.31
N HIS A 102 16.79 13.78 25.07
CA HIS A 102 18.05 13.79 24.31
C HIS A 102 18.68 15.18 24.18
N TYR A 103 17.89 16.15 23.73
CA TYR A 103 18.41 17.48 23.48
C TYR A 103 18.93 18.11 24.76
N GLU A 104 18.11 18.08 25.81
CA GLU A 104 18.46 18.75 27.07
C GLU A 104 19.70 18.12 27.71
N VAL A 105 19.91 16.84 27.48
CA VAL A 105 21.08 16.18 28.03
C VAL A 105 22.31 16.29 27.14
N VAL A 106 22.15 16.01 25.85
CA VAL A 106 23.30 15.91 24.95
C VAL A 106 24.00 17.27 24.71
N MET A 107 23.23 18.35 24.62
CA MET A 107 23.83 19.65 24.31
C MET A 107 24.84 20.08 25.37
N PRO A 108 24.42 20.10 26.65
CA PRO A 108 25.34 20.45 27.73
C PRO A 108 26.47 19.42 27.85
N LEU A 109 26.12 18.15 27.69
CA LEU A 109 27.08 17.07 27.76
C LEU A 109 28.21 17.30 26.74
N LEU A 110 27.85 17.60 25.50
CA LEU A 110 28.83 17.81 24.45
C LEU A 110 29.72 18.99 24.81
N GLU A 111 29.15 19.97 25.48
CA GLU A 111 29.91 21.15 25.88
C GLU A 111 30.92 20.82 26.98
N PHE A 112 30.46 20.16 28.04
CA PHE A 112 31.37 19.71 29.09
C PHE A 112 32.38 18.69 28.54
N SER A 113 31.96 17.97 27.52
CA SER A 113 32.78 16.96 26.87
C SER A 113 34.15 17.51 26.49
N LYS A 114 34.25 18.82 26.35
CA LYS A 114 35.47 19.42 25.85
C LYS A 114 36.63 19.24 26.82
N ASN A 115 36.31 18.90 28.06
CA ASN A 115 37.33 18.63 29.08
C ASN A 115 37.84 17.19 29.05
N ASN A 116 37.35 16.41 28.10
CA ASN A 116 37.78 15.03 27.94
C ASN A 116 38.51 14.84 26.61
N PRO A 117 39.84 14.86 26.65
CA PRO A 117 40.70 14.70 25.47
C PRO A 117 40.61 13.30 24.88
N ASN A 118 40.07 12.36 25.65
CA ASN A 118 40.00 10.97 25.22
C ASN A 118 38.70 10.60 24.50
N LEU A 119 37.68 11.43 24.63
CA LEU A 119 36.39 11.13 24.02
C LEU A 119 36.51 10.94 22.53
N LYS A 120 36.09 9.77 22.04
CA LYS A 120 36.20 9.44 20.63
C LYS A 120 34.84 9.17 20.02
N TYR A 121 33.88 8.77 20.85
CA TYR A 121 32.61 8.27 20.34
C TYR A 121 31.40 8.79 21.10
N LEU A 122 30.36 9.11 20.36
CA LEU A 122 29.05 9.41 20.94
C LEU A 122 28.00 8.51 20.30
N PHE A 123 27.33 7.73 21.14
CA PHE A 123 26.37 6.72 20.73
C PHE A 123 24.99 7.14 21.24
N VAL A 124 24.07 7.43 20.32
CA VAL A 124 22.72 7.83 20.68
C VAL A 124 21.70 6.89 20.05
N GLU A 125 20.62 6.62 20.77
CA GLU A 125 19.53 5.81 20.21
C GLU A 125 18.61 6.61 19.28
N TRP A 126 18.00 5.91 18.32
CA TRP A 126 16.96 6.48 17.49
C TRP A 126 15.67 6.52 18.31
N ALA A 127 14.90 7.61 18.27
CA ALA A 127 15.16 8.75 17.42
C ALA A 127 16.16 9.71 18.03
N LEU A 128 16.88 10.42 17.17
CA LEU A 128 17.90 11.34 17.66
C LEU A 128 17.29 12.45 18.53
N ALA A 129 16.17 12.99 18.08
CA ALA A 129 15.53 14.08 18.82
C ALA A 129 14.04 14.14 18.51
N CYS A 130 13.36 15.12 19.08
CA CYS A 130 11.92 15.28 18.93
C CYS A 130 11.49 16.06 17.70
N SER A 131 12.45 16.67 17.01
CA SER A 131 12.17 17.43 15.80
C SER A 131 13.44 17.49 14.94
N LEU A 132 13.26 17.79 13.67
CA LEU A 132 14.38 18.02 12.76
C LEU A 132 15.26 19.17 13.28
N ASP A 133 14.62 20.26 13.72
CA ASP A 133 15.35 21.39 14.31
C ASP A 133 16.30 20.93 15.37
N GLN A 134 15.78 20.20 16.35
CA GLN A 134 16.61 19.65 17.44
C GLN A 134 17.70 18.74 16.90
N ALA A 135 17.34 17.88 15.94
CA ALA A 135 18.29 16.92 15.40
C ALA A 135 19.47 17.65 14.74
N GLU A 136 19.16 18.69 13.98
CA GLU A 136 20.19 19.52 13.34
C GLU A 136 21.11 20.18 14.36
N SER A 137 20.55 20.65 15.48
CA SER A 137 21.37 21.29 16.52
C SER A 137 22.32 20.28 17.13
N ILE A 138 21.79 19.10 17.42
CA ILE A 138 22.61 18.06 18.00
C ILE A 138 23.69 17.62 17.00
N TYR A 139 23.34 17.44 15.74
CA TYR A 139 24.35 17.06 14.77
C TYR A 139 25.45 18.12 14.75
N LYS A 140 25.05 19.37 14.56
CA LYS A 140 25.98 20.48 14.50
C LYS A 140 26.88 20.48 15.73
N ALA A 141 26.29 20.35 16.92
CA ALA A 141 27.11 20.34 18.13
C ALA A 141 28.07 19.14 18.19
N ALA A 142 27.61 17.98 17.74
CA ALA A 142 28.45 16.80 17.70
C ALA A 142 29.58 17.00 16.69
N ALA A 143 29.23 17.48 15.50
CA ALA A 143 30.20 17.67 14.44
C ALA A 143 31.27 18.66 14.86
N GLU A 144 30.85 19.81 15.38
CA GLU A 144 31.80 20.81 15.86
C GLU A 144 32.48 20.35 17.14
N ARG A 145 32.22 19.10 17.52
CA ARG A 145 32.90 18.52 18.67
C ARG A 145 33.99 17.57 18.20
N GLY A 146 33.87 17.09 16.97
CA GLY A 146 34.90 16.26 16.36
C GLY A 146 34.81 14.77 16.61
N VAL A 147 33.93 14.35 17.53
CA VAL A 147 33.79 12.94 17.87
C VAL A 147 33.11 12.14 16.75
N GLN A 148 33.45 10.87 16.65
CA GLN A 148 32.71 9.99 15.77
C GLN A 148 31.36 9.68 16.44
N THR A 149 30.29 9.74 15.66
CA THR A 149 28.97 9.47 16.21
C THR A 149 28.40 8.17 15.70
N ILE A 150 27.55 7.56 16.54
CA ILE A 150 26.79 6.36 16.19
C ILE A 150 25.29 6.58 16.50
N ILE A 151 24.42 6.18 15.58
CA ILE A 151 22.98 6.16 15.90
C ILE A 151 22.54 4.69 15.95
N SER A 152 21.68 4.36 16.90
CA SER A 152 21.17 2.99 17.04
C SER A 152 20.10 2.65 16.00
N LEU A 153 20.52 2.54 14.75
CA LEU A 153 19.63 2.02 13.70
C LEU A 153 20.05 0.56 13.51
N GLN A 154 19.87 -0.22 14.57
CA GLN A 154 20.46 -1.55 14.67
C GLN A 154 19.86 -2.51 13.68
N GLY A 155 18.74 -2.12 13.11
CA GLY A 155 18.17 -2.89 12.01
C GLY A 155 19.17 -3.10 10.88
N ARG A 156 20.11 -2.16 10.72
CA ARG A 156 21.13 -2.27 9.67
C ARG A 156 22.11 -3.44 9.91
N LYS A 157 22.06 -4.02 11.10
CA LYS A 157 22.97 -5.09 11.47
C LYS A 157 22.26 -6.44 11.56
N SER A 158 20.96 -6.45 11.29
CA SER A 158 20.23 -7.73 11.21
C SER A 158 20.79 -8.64 10.12
N PRO A 159 21.02 -9.92 10.46
CA PRO A 159 21.50 -10.95 9.53
C PRO A 159 20.58 -11.04 8.32
N TYR A 160 19.28 -10.88 8.57
CA TYR A 160 18.30 -10.89 7.49
C TYR A 160 18.43 -9.69 6.54
N ILE A 161 18.61 -8.51 7.12
CA ILE A 161 18.74 -7.30 6.36
C ILE A 161 20.02 -7.38 5.54
N LEU A 162 21.10 -7.82 6.18
CA LEU A 162 22.39 -7.95 5.51
C LEU A 162 22.35 -8.98 4.38
N ARG A 163 21.65 -10.08 4.61
CA ARG A 163 21.54 -11.10 3.58
C ARG A 163 20.73 -10.60 2.39
N ALA A 164 19.62 -9.91 2.67
CA ALA A 164 18.80 -9.38 1.60
C ALA A 164 19.57 -8.31 0.80
N LYS A 165 20.34 -7.48 1.51
CA LYS A 165 21.15 -6.43 0.85
C LYS A 165 22.17 -7.04 -0.13
N GLU A 166 22.82 -8.12 0.29
CA GLU A 166 23.77 -8.83 -0.57
C GLU A 166 23.09 -9.40 -1.81
N LEU A 167 21.96 -10.08 -1.62
CA LEU A 167 21.27 -10.72 -2.74
C LEU A 167 20.90 -9.67 -3.77
N ILE A 168 20.28 -8.60 -3.28
CA ILE A 168 19.86 -7.54 -4.16
C ILE A 168 21.06 -6.92 -4.90
N SER A 169 22.10 -6.56 -4.16
CA SER A 169 23.19 -5.78 -4.79
C SER A 169 24.00 -6.67 -5.71
N GLN A 170 23.94 -7.98 -5.49
CA GLN A 170 24.65 -8.90 -6.37
C GLN A 170 23.81 -9.30 -7.59
N GLY A 171 22.62 -8.72 -7.73
CA GLY A 171 21.81 -8.99 -8.91
C GLY A 171 20.88 -10.20 -8.85
N TYR A 172 20.79 -10.89 -7.71
CA TYR A 172 20.00 -12.13 -7.66
C TYR A 172 18.50 -11.89 -7.89
N ILE A 173 18.08 -10.67 -7.62
CA ILE A 173 16.69 -10.26 -7.71
C ILE A 173 16.41 -9.73 -9.11
N GLY A 174 17.48 -9.36 -9.81
CA GLY A 174 17.35 -8.57 -11.02
C GLY A 174 17.22 -7.11 -10.66
N ASP A 175 16.66 -6.31 -11.56
CA ASP A 175 16.21 -4.96 -11.23
C ASP A 175 14.95 -5.01 -10.37
N ILE A 176 14.74 -4.01 -9.53
CA ILE A 176 13.55 -3.94 -8.70
C ILE A 176 12.38 -3.28 -9.42
N ASN A 177 11.30 -4.04 -9.62
CA ASN A 177 10.09 -3.54 -10.26
C ASN A 177 9.21 -2.70 -9.33
N SER A 178 9.02 -3.18 -8.11
CA SER A 178 8.15 -2.50 -7.16
C SER A 178 8.26 -3.09 -5.77
N ILE A 179 7.77 -2.35 -4.79
CA ILE A 179 7.94 -2.75 -3.39
C ILE A 179 6.68 -2.43 -2.60
N GLU A 180 6.26 -3.36 -1.76
CA GLU A 180 5.14 -3.13 -0.83
C GLU A 180 5.55 -3.44 0.60
N ILE A 181 5.06 -2.61 1.51
CA ILE A 181 5.41 -2.75 2.92
C ILE A 181 4.14 -2.60 3.72
N ALA A 182 3.97 -3.48 4.68
CA ALA A 182 2.82 -3.40 5.56
C ALA A 182 3.35 -3.66 6.95
N GLY A 183 3.05 -2.76 7.88
CA GLY A 183 3.53 -2.88 9.24
C GLY A 183 2.50 -2.55 10.30
N ASN A 184 2.83 -2.88 11.55
N ASN A 184 2.92 -2.74 11.55
CA ASN A 184 2.03 -2.47 12.71
CA ASN A 184 2.08 -2.45 12.69
C ASN A 184 2.93 -1.73 13.71
C ASN A 184 2.90 -1.82 13.82
N GLY A 185 2.38 -0.74 14.40
CA GLY A 185 3.11 -0.01 15.43
C GLY A 185 2.95 -0.47 16.89
N GLY A 186 2.26 -1.59 17.10
CA GLY A 186 2.10 -2.10 18.45
C GLY A 186 1.07 -1.45 19.34
N TRP A 187 1.36 -0.26 19.88
CA TRP A 187 0.44 0.26 20.92
C TRP A 187 -0.33 1.53 20.56
N TYR A 188 -0.50 1.75 19.27
CA TYR A 188 -1.12 2.98 18.79
C TYR A 188 -2.46 2.65 18.12
N GLY A 189 -3.07 1.54 18.53
CA GLY A 189 -4.40 1.18 18.07
C GLY A 189 -5.47 1.58 19.09
N TYR A 190 -6.50 0.74 19.22
CA TYR A 190 -7.65 1.08 20.06
C TYR A 190 -7.36 0.97 21.55
N GLU A 191 -6.31 0.24 21.88
CA GLU A 191 -6.02 -0.07 23.28
C GLU A 191 -4.64 0.40 23.77
N ARG A 192 -4.58 0.76 25.05
CA ARG A 192 -3.31 1.17 25.68
C ARG A 192 -3.11 0.47 27.02
N PRO A 193 -2.00 -0.25 27.17
CA PRO A 193 -1.68 -0.88 28.45
C PRO A 193 -1.61 0.19 29.53
N VAL A 194 -2.23 -0.06 30.67
CA VAL A 194 -2.23 0.92 31.75
C VAL A 194 -0.81 1.21 32.24
N LYS A 195 0.08 0.24 32.05
CA LYS A 195 1.46 0.36 32.50
C LYS A 195 2.29 1.26 31.58
N SER A 196 1.67 1.80 30.54
CA SER A 196 2.40 2.56 29.55
C SER A 196 2.40 4.07 29.82
N PRO A 197 3.59 4.70 29.80
CA PRO A 197 3.77 6.12 30.11
C PRO A 197 3.00 7.04 29.16
N LYS A 198 2.23 7.98 29.72
CA LYS A 198 1.52 8.96 28.90
C LYS A 198 2.40 9.54 27.79
N TYR A 199 3.62 9.92 28.15
CA TYR A 199 4.46 10.75 27.27
C TYR A 199 4.64 10.21 25.85
N ILE A 200 4.63 8.90 25.69
CA ILE A 200 4.85 8.34 24.36
C ILE A 200 3.62 8.43 23.46
N TYR A 201 2.50 8.90 24.01
CA TYR A 201 1.25 9.07 23.26
C TYR A 201 0.93 10.52 22.95
N GLU A 202 1.86 11.41 23.30
CA GLU A 202 1.68 12.84 23.08
C GLU A 202 2.59 13.27 21.97
N ILE A 203 2.05 13.99 21.01
CA ILE A 203 2.85 14.37 19.86
C ILE A 203 4.04 15.23 20.31
N GLY A 204 5.16 15.12 19.60
CA GLY A 204 6.33 15.94 19.89
C GLY A 204 7.27 15.40 20.95
N ASN A 205 7.05 14.19 21.42
CA ASN A 205 7.99 13.59 22.37
C ASN A 205 8.96 12.63 21.72
N GLY A 206 9.01 12.67 20.39
CA GLY A 206 10.01 11.91 19.66
C GLY A 206 9.76 10.42 19.55
N VAL A 207 8.57 9.96 19.94
CA VAL A 207 8.20 8.55 19.82
C VAL A 207 6.78 8.41 19.26
N ASP A 208 6.66 7.71 18.14
CA ASP A 208 5.38 7.58 17.45
C ASP A 208 5.50 6.65 16.28
N LEU A 209 4.34 6.36 15.68
CA LEU A 209 4.24 5.39 14.61
C LEU A 209 5.16 5.78 13.43
N VAL A 210 5.23 7.06 13.14
CA VAL A 210 5.96 7.49 11.94
C VAL A 210 7.44 7.59 12.25
N THR A 211 7.75 8.38 13.28
CA THR A 211 9.14 8.62 13.65
C THR A 211 9.87 7.32 13.98
N THR A 212 9.19 6.43 14.71
CA THR A 212 9.87 5.27 15.26
C THR A 212 9.72 4.03 14.39
N THR A 213 8.49 3.53 14.26
CA THR A 213 8.27 2.27 13.58
C THR A 213 8.52 2.38 12.09
N PHE A 214 7.91 3.38 11.49
CA PHE A 214 8.16 3.65 10.08
C PHE A 214 9.61 4.06 9.89
N GLY A 215 10.15 4.87 10.81
CA GLY A 215 11.53 5.26 10.72
C GLY A 215 12.53 4.12 10.62
N HIS A 216 12.53 3.22 11.60
CA HIS A 216 13.39 2.03 11.52
C HIS A 216 13.18 1.26 10.20
N THR A 217 11.93 1.10 9.81
CA THR A 217 11.60 0.25 8.67
C THR A 217 12.00 0.88 7.32
N ILE A 218 11.66 2.14 7.14
CA ILE A 218 11.95 2.77 5.85
C ILE A 218 13.47 2.98 5.74
N ASP A 219 14.14 3.09 6.88
CA ASP A 219 15.61 3.18 6.81
C ASP A 219 16.24 1.86 6.32
N ILE A 220 15.80 0.73 6.85
CA ILE A 220 16.37 -0.54 6.38
C ILE A 220 15.99 -0.76 4.92
N LEU A 221 14.82 -0.24 4.51
CA LEU A 221 14.43 -0.43 3.12
C LEU A 221 15.43 0.28 2.20
N GLN A 222 15.76 1.52 2.54
CA GLN A 222 16.72 2.30 1.73
C GLN A 222 18.10 1.65 1.82
N TYR A 223 18.43 1.16 3.01
CA TYR A 223 19.74 0.52 3.18
C TYR A 223 19.87 -0.73 2.32
N MET A 224 18.81 -1.53 2.26
CA MET A 224 18.83 -2.80 1.53
C MET A 224 18.82 -2.60 0.04
N THR A 225 18.10 -1.60 -0.43
CA THR A 225 18.03 -1.37 -1.87
C THR A 225 19.12 -0.39 -2.30
N SER A 226 19.92 0.08 -1.35
CA SER A 226 20.92 1.12 -1.63
C SER A 226 20.34 2.29 -2.43
N SER A 227 19.22 2.86 -1.99
CA SER A 227 18.67 4.02 -2.68
C SER A 227 17.89 4.88 -1.72
N TYR A 228 17.95 6.20 -1.91
CA TYR A 228 17.09 7.11 -1.20
C TYR A 228 15.85 7.33 -2.05
N PHE A 229 14.87 8.02 -1.49
CA PHE A 229 13.66 8.35 -2.23
C PHE A 229 13.84 9.58 -3.10
N SER A 230 13.10 9.63 -4.20
CA SER A 230 13.03 10.79 -5.05
C SER A 230 11.83 11.64 -4.68
N ARG A 231 10.66 11.01 -4.66
CA ARG A 231 9.41 11.71 -4.37
C ARG A 231 8.60 10.89 -3.38
N ILE A 232 7.86 11.55 -2.49
CA ILE A 232 6.99 10.84 -1.55
C ILE A 232 5.66 11.56 -1.38
N ASN A 233 4.63 10.80 -1.00
CA ASN A 233 3.38 11.37 -0.50
C ASN A 233 2.92 10.58 0.72
N ALA A 234 2.47 11.27 1.77
CA ALA A 234 1.98 10.59 2.97
C ALA A 234 0.67 11.13 3.41
N MET A 235 -0.12 10.26 4.03
CA MET A 235 -1.28 10.68 4.80
C MET A 235 -1.13 10.08 6.19
N VAL A 236 -1.25 10.94 7.19
CA VAL A 236 -1.03 10.56 8.57
C VAL A 236 -2.34 10.72 9.34
N PHE A 237 -2.72 9.70 10.09
CA PHE A 237 -4.06 9.69 10.67
C PHE A 237 -4.07 9.67 12.19
N ASN A 238 -4.96 10.44 12.78
CA ASN A 238 -5.37 10.19 14.15
C ASN A 238 -6.86 9.90 14.19
N ASN A 239 -7.25 8.73 13.68
CA ASN A 239 -8.65 8.32 13.69
C ASN A 239 -9.04 7.74 15.05
N ILE A 240 -8.06 7.60 15.94
CA ILE A 240 -8.29 7.03 17.26
C ILE A 240 -7.79 8.02 18.32
N PRO A 241 -8.48 9.17 18.47
CA PRO A 241 -8.07 10.22 19.41
C PRO A 241 -8.15 9.75 20.86
N GLU A 242 -8.90 8.68 21.12
CA GLU A 242 -9.11 8.18 22.48
C GLU A 242 -8.90 6.67 22.50
N GLN A 243 -7.97 6.22 23.31
CA GLN A 243 -7.69 4.79 23.40
C GLN A 243 -8.32 4.22 24.66
N GLU A 244 -8.64 2.94 24.64
CA GLU A 244 -9.23 2.21 25.78
C GLU A 244 -8.10 1.63 26.60
N LEU A 245 -8.05 1.96 27.88
CA LEU A 245 -7.08 1.35 28.79
C LEU A 245 -7.35 -0.14 28.93
N ILE A 246 -6.29 -0.96 28.92
CA ILE A 246 -6.42 -2.39 29.17
C ILE A 246 -5.49 -2.87 30.28
N ASP A 247 -5.84 -3.99 30.90
CA ASP A 247 -4.98 -4.58 31.94
C ASP A 247 -3.99 -5.58 31.35
N GLU A 248 -3.18 -6.15 32.23
CA GLU A 248 -2.15 -7.11 31.83
C GLU A 248 -2.75 -8.31 31.11
N ARG A 249 -3.99 -8.65 31.45
CA ARG A 249 -4.63 -9.83 30.90
C ARG A 249 -5.21 -9.55 29.51
N GLY A 250 -5.29 -8.26 29.17
CA GLY A 250 -5.84 -7.85 27.88
C GLY A 250 -7.25 -7.30 27.96
N ASN A 251 -7.81 -7.27 29.16
CA ASN A 251 -9.18 -6.83 29.34
C ASN A 251 -9.23 -5.32 29.52
N ARG A 252 -10.28 -4.71 28.97
CA ARG A 252 -10.49 -3.26 29.10
C ARG A 252 -10.86 -2.86 30.52
N LEU A 253 -10.46 -1.66 30.91
CA LEU A 253 -10.67 -1.18 32.27
C LEU A 253 -11.85 -0.22 32.38
N GLY A 254 -12.50 0.05 31.25
CA GLY A 254 -13.60 1.00 31.22
C GLY A 254 -13.15 2.44 31.40
N GLN A 255 -11.97 2.76 30.90
CA GLN A 255 -11.47 4.13 30.97
C GLN A 255 -10.73 4.52 29.70
N ARG A 256 -11.12 5.63 29.09
CA ARG A 256 -10.49 6.13 27.87
C ARG A 256 -9.43 7.20 28.17
N VAL A 257 -8.39 7.24 27.35
CA VAL A 257 -7.33 8.21 27.48
C VAL A 257 -6.95 8.78 26.11
N PRO A 258 -6.54 10.06 26.07
CA PRO A 258 -6.34 10.73 24.79
C PRO A 258 -4.97 10.40 24.17
N LYS A 259 -4.96 10.35 22.84
CA LYS A 259 -3.73 10.13 22.07
C LYS A 259 -3.64 11.25 21.04
N THR A 260 -2.49 11.91 20.95
CA THR A 260 -2.31 12.87 19.87
C THR A 260 -1.32 12.37 18.81
N VAL A 261 -0.66 11.25 19.06
CA VAL A 261 0.18 10.63 18.02
C VAL A 261 -0.69 9.83 17.02
N PRO A 262 -0.14 9.54 15.83
CA PRO A 262 -0.96 8.90 14.78
C PRO A 262 -1.26 7.42 15.06
N ASP A 263 -2.37 6.95 14.49
CA ASP A 263 -2.75 5.53 14.52
C ASP A 263 -2.73 4.91 13.13
N HIS A 264 -2.41 5.70 12.11
CA HIS A 264 -2.18 5.11 10.79
C HIS A 264 -1.29 5.95 9.89
N LEU A 265 -0.50 5.28 9.08
CA LEU A 265 0.32 5.97 8.09
C LEU A 265 0.14 5.32 6.74
N LEU A 266 -0.24 6.14 5.77
CA LEU A 266 -0.20 5.72 4.37
C LEU A 266 0.98 6.42 3.73
N PHE A 267 1.83 5.68 3.05
CA PHE A 267 3.04 6.27 2.47
C PHE A 267 3.28 5.62 1.13
N GLN A 268 3.54 6.45 0.13
CA GLN A 268 3.92 5.93 -1.18
C GLN A 268 4.97 6.81 -1.78
N GLY A 269 5.89 6.22 -2.54
CA GLY A 269 6.97 7.01 -3.10
C GLY A 269 7.76 6.25 -4.15
N THR A 270 8.80 6.89 -4.65
CA THR A 270 9.65 6.30 -5.66
C THR A 270 11.09 6.32 -5.19
N LEU A 271 11.79 5.22 -5.41
CA LEU A 271 13.21 5.20 -5.12
C LEU A 271 13.98 5.92 -6.22
N LEU A 272 14.98 6.71 -5.84
CA LEU A 272 15.81 7.42 -6.81
C LEU A 272 16.41 6.48 -7.84
N ASN A 273 16.95 5.37 -7.37
CA ASN A 273 17.57 4.43 -8.27
C ASN A 273 16.50 3.55 -8.92
N GLY A 274 16.17 3.87 -10.17
CA GLY A 274 15.23 3.09 -10.92
C GLY A 274 13.80 3.59 -10.87
N ASN A 275 13.57 4.72 -10.20
CA ASN A 275 12.21 5.23 -10.07
C ASN A 275 11.24 4.13 -9.59
N VAL A 276 11.68 3.32 -8.63
CA VAL A 276 10.88 2.16 -8.15
C VAL A 276 9.69 2.59 -7.29
N PRO A 277 8.49 2.19 -7.69
CA PRO A 277 7.28 2.42 -6.89
C PRO A 277 7.33 1.66 -5.54
N VAL A 278 7.11 2.39 -4.46
CA VAL A 278 7.07 1.83 -3.10
C VAL A 278 5.73 2.20 -2.50
N SER A 279 5.00 1.19 -2.03
CA SER A 279 3.72 1.44 -1.38
C SER A 279 3.74 0.91 0.06
N CYS A 280 3.28 1.73 0.99
N CYS A 280 3.35 1.76 1.01
CA CYS A 280 3.41 1.37 2.40
CA CYS A 280 3.42 1.40 2.42
C CYS A 280 2.22 1.76 3.27
C CYS A 280 2.13 1.70 3.18
N SER A 281 1.80 0.83 4.14
CA SER A 281 0.68 1.06 5.04
C SER A 281 1.06 0.57 6.44
N PHE A 282 1.01 1.48 7.41
CA PHE A 282 1.32 1.13 8.81
C PHE A 282 0.12 1.39 9.69
N LYS A 283 -0.34 0.34 10.35
CA LYS A 283 -1.45 0.42 11.30
C LYS A 283 -0.90 0.73 12.69
N GLY A 284 -1.59 1.57 13.45
CA GLY A 284 -1.12 1.93 14.77
C GLY A 284 -0.97 0.81 15.77
N GLY A 285 -1.90 -0.12 15.61
CA GLY A 285 -2.54 -1.00 16.54
C GLY A 285 -2.16 -2.45 16.42
N LYS A 286 -3.15 -3.33 16.27
CA LYS A 286 -2.89 -4.76 16.37
C LYS A 286 -3.77 -5.53 15.37
N PRO A 287 -3.31 -6.70 14.94
CA PRO A 287 -4.02 -7.43 13.90
C PRO A 287 -4.80 -8.65 14.39
N THR A 288 -5.98 -8.86 13.79
CA THR A 288 -6.77 -10.08 13.94
C THR A 288 -6.42 -10.87 12.70
N THR A 292 -1.59 -12.61 12.34
CA THR A 292 -0.91 -12.27 11.11
C THR A 292 0.59 -12.17 11.25
N LYS A 293 1.21 -11.51 10.27
CA LYS A 293 2.60 -11.09 10.36
C LYS A 293 2.65 -9.64 10.82
N ASN A 294 3.60 -9.31 11.70
CA ASN A 294 3.71 -7.98 12.29
C ASN A 294 4.28 -6.96 11.29
N LEU A 295 5.13 -7.45 10.40
CA LEU A 295 5.81 -6.63 9.40
C LEU A 295 6.06 -7.49 8.17
N VAL A 296 5.71 -6.99 6.99
CA VAL A 296 6.16 -7.63 5.74
C VAL A 296 6.68 -6.61 4.75
N ILE A 297 7.82 -6.95 4.17
CA ILE A 297 8.44 -6.15 3.10
C ILE A 297 8.54 -7.07 1.91
N ASP A 298 7.79 -6.74 0.86
CA ASP A 298 7.80 -7.53 -0.36
C ASP A 298 8.57 -6.77 -1.41
N ILE A 299 9.65 -7.35 -1.92
CA ILE A 299 10.45 -6.71 -2.96
C ILE A 299 10.35 -7.52 -4.24
N HIS A 300 9.77 -6.93 -5.28
CA HIS A 300 9.52 -7.67 -6.51
C HIS A 300 10.57 -7.33 -7.55
N GLY A 301 11.33 -8.34 -7.97
CA GLY A 301 12.46 -8.12 -8.86
C GLY A 301 12.14 -8.67 -10.25
N THR A 302 12.97 -8.36 -11.24
CA THR A 302 12.68 -8.88 -12.57
C THR A 302 13.05 -10.35 -12.65
N LYS A 303 13.93 -10.81 -11.77
CA LYS A 303 14.33 -12.23 -11.79
C LYS A 303 13.73 -13.05 -10.64
N ARG A 304 13.69 -12.46 -9.44
N ARG A 304 13.71 -12.47 -9.44
CA ARG A 304 13.12 -13.14 -8.28
CA ARG A 304 13.15 -13.12 -8.25
C ARG A 304 12.36 -12.18 -7.38
C ARG A 304 12.30 -12.16 -7.44
N ASP A 305 11.52 -12.71 -6.51
CA ASP A 305 10.87 -11.89 -5.48
C ASP A 305 11.58 -12.21 -4.18
N LEU A 306 11.52 -11.25 -3.28
CA LEU A 306 12.17 -11.38 -2.00
C LEU A 306 11.17 -10.83 -1.00
N LYS A 307 11.03 -11.51 0.13
CA LYS A 307 10.12 -11.10 1.18
C LYS A 307 10.78 -11.18 2.54
N LEU A 308 10.65 -10.12 3.32
CA LEU A 308 11.11 -10.15 4.71
C LEU A 308 9.89 -10.08 5.62
N GLU A 309 9.92 -10.87 6.68
CA GLU A 309 8.76 -10.99 7.57
C GLU A 309 9.13 -10.90 9.03
N GLY A 310 8.16 -10.44 9.83
CA GLY A 310 8.37 -10.13 11.23
C GLY A 310 7.62 -11.02 12.21
N ASP A 311 7.12 -10.43 13.30
CA ASP A 311 7.00 -11.21 14.52
C ASP A 311 8.39 -11.78 14.39
N ILE A 317 11.25 -8.84 11.14
CA ILE A 317 12.49 -9.32 10.54
C ILE A 317 13.05 -10.51 11.31
N SER A 318 12.44 -11.65 11.07
CA SER A 318 12.86 -12.91 11.62
C SER A 318 12.75 -13.98 10.53
N ASN A 319 12.54 -13.55 9.30
CA ASN A 319 12.35 -14.50 8.21
C ASN A 319 12.67 -13.88 6.86
N LEU A 320 13.39 -14.60 6.01
CA LEU A 320 13.68 -14.12 4.66
C LEU A 320 13.29 -15.18 3.64
N VAL A 321 12.42 -14.79 2.72
CA VAL A 321 12.00 -15.70 1.67
C VAL A 321 12.39 -15.22 0.28
N LEU A 322 12.87 -16.15 -0.52
CA LEU A 322 13.32 -15.89 -1.87
C LEU A 322 12.53 -16.79 -2.79
N TYR A 323 11.86 -16.20 -3.78
CA TYR A 323 10.97 -16.97 -4.66
C TYR A 323 11.40 -16.81 -6.09
N TYR A 324 11.47 -17.94 -6.79
CA TYR A 324 11.87 -17.93 -8.19
C TYR A 324 11.48 -19.20 -8.94
N SER A 325 12.04 -19.35 -10.14
CA SER A 325 11.68 -20.43 -11.04
C SER A 325 12.87 -21.03 -11.78
N GLY A 326 12.86 -22.35 -11.96
CA GLY A 326 13.56 -22.98 -13.06
C GLY A 326 12.56 -22.71 -14.17
N GLY A 349 8.11 -26.54 -14.63
CA GLY A 349 6.74 -26.07 -14.73
C GLY A 349 6.63 -25.75 -13.26
N LYS A 350 7.72 -25.13 -12.78
CA LYS A 350 8.23 -25.33 -11.44
C LYS A 350 8.52 -24.02 -10.69
N GLU A 351 8.05 -23.93 -9.45
CA GLU A 351 8.36 -22.77 -8.61
C GLU A 351 9.20 -23.19 -7.42
N ILE A 352 10.18 -22.35 -7.08
CA ILE A 352 11.04 -22.63 -5.95
C ILE A 352 10.85 -21.58 -4.89
N MET A 353 10.77 -22.02 -3.65
CA MET A 353 10.69 -21.11 -2.52
C MET A 353 11.76 -21.50 -1.53
N GLU A 354 12.58 -20.52 -1.20
CA GLU A 354 13.72 -20.71 -0.32
C GLU A 354 13.55 -19.83 0.91
N VAL A 355 13.78 -20.43 2.06
CA VAL A 355 13.49 -19.75 3.32
C VAL A 355 14.72 -19.72 4.20
N TYR A 356 15.11 -18.51 4.58
CA TYR A 356 16.27 -18.28 5.43
C TYR A 356 15.76 -17.90 6.80
N HIS A 357 16.10 -18.70 7.80
CA HIS A 357 15.62 -18.48 9.16
C HIS A 357 16.67 -18.90 10.19
N LEU A 358 16.96 -18.01 11.13
CA LEU A 358 17.96 -18.32 12.15
C LEU A 358 17.29 -18.74 13.43
N ARG A 359 17.81 -19.79 14.04
CA ARG A 359 17.39 -20.16 15.38
C ARG A 359 18.59 -20.58 16.20
N ASN A 360 18.66 -20.05 17.42
CA ASN A 360 17.63 -19.13 17.88
C ASN A 360 18.16 -17.72 18.02
N TYR A 361 18.16 -16.97 16.92
CA TYR A 361 18.62 -15.60 16.94
C TYR A 361 17.70 -14.73 17.76
N ASN A 362 18.24 -14.12 18.81
CA ASN A 362 17.54 -13.09 19.55
C ASN A 362 17.86 -11.72 18.95
N ALA A 363 16.95 -11.19 18.14
CA ALA A 363 17.20 -10.00 17.33
C ALA A 363 17.49 -8.79 18.20
N ILE A 364 16.77 -8.75 19.32
CA ILE A 364 16.80 -7.66 20.28
C ILE A 364 18.18 -7.31 20.84
N VAL A 365 18.88 -8.29 21.39
CA VAL A 365 20.22 -7.99 21.90
C VAL A 365 21.23 -8.30 20.80
N GLY A 366 20.83 -9.15 19.85
CA GLY A 366 21.70 -9.58 18.76
C GLY A 366 22.06 -8.46 17.79
N ASN A 367 21.08 -7.64 17.42
CA ASN A 367 21.30 -6.54 16.48
C ASN A 367 22.17 -5.46 17.09
N ILE A 368 21.89 -5.14 18.34
CA ILE A 368 22.69 -4.22 19.10
C ILE A 368 24.08 -4.76 19.31
N HIS A 369 24.14 -6.04 19.60
CA HIS A 369 25.42 -6.70 19.81
C HIS A 369 26.33 -6.43 18.62
N ARG A 370 25.79 -6.66 17.43
CA ARG A 370 26.60 -6.53 16.22
C ARG A 370 26.96 -5.09 15.93
N LEU A 371 26.17 -4.16 16.44
CA LEU A 371 26.47 -2.76 16.28
C LEU A 371 27.69 -2.46 17.15
N TYR A 372 27.68 -2.96 18.38
CA TYR A 372 28.82 -2.83 19.29
C TYR A 372 30.08 -3.47 18.70
N GLN A 373 29.89 -4.52 17.91
CA GLN A 373 31.04 -5.23 17.38
C GLN A 373 31.63 -4.39 16.26
N SER A 374 30.74 -3.78 15.46
CA SER A 374 31.14 -2.91 14.38
C SER A 374 31.97 -1.76 14.89
N ILE A 375 31.56 -1.20 16.02
CA ILE A 375 32.27 -0.08 16.60
C ILE A 375 33.67 -0.51 16.99
N SER A 376 33.79 -1.73 17.48
CA SER A 376 35.09 -2.28 17.82
C SER A 376 35.90 -2.52 16.55
N ASP A 377 35.27 -3.17 15.57
CA ASP A 377 35.94 -3.53 14.30
C ASP A 377 36.43 -2.37 13.46
N PHE A 378 35.67 -1.28 13.39
CA PHE A 378 36.09 -0.09 12.65
C PHE A 378 37.19 0.57 13.44
N HIS A 379 37.01 0.59 14.76
CA HIS A 379 37.97 1.21 15.69
C HIS A 379 39.33 0.54 15.64
N PHE A 380 39.35 -0.76 15.92
CA PHE A 380 40.58 -1.53 15.98
C PHE A 380 41.04 -1.97 14.60
N ASN A 381 40.38 -1.47 13.56
N ASN A 381 40.36 -1.47 13.57
CA ASN A 381 40.66 -1.88 12.19
CA ASN A 381 40.63 -1.88 12.19
C ASN A 381 41.08 -3.34 12.13
C ASN A 381 41.07 -3.33 12.13
N THR A 382 40.15 -4.21 12.51
CA THR A 382 40.44 -5.64 12.63
C THR A 382 40.80 -6.34 11.32
N LYS A 383 40.09 -6.02 10.24
CA LYS A 383 40.41 -6.50 8.90
C LYS A 383 41.74 -5.92 8.40
N LYS A 384 42.32 -5.04 9.20
CA LYS A 384 43.54 -4.30 8.87
C LYS A 384 43.60 -3.76 7.45
N ILE A 385 42.73 -2.79 7.15
CA ILE A 385 42.70 -2.12 5.85
C ILE A 385 43.47 -0.80 5.92
N PRO A 386 44.61 -0.70 5.22
CA PRO A 386 45.40 0.54 5.27
C PRO A 386 44.53 1.79 5.06
N GLU A 387 43.79 1.81 3.95
CA GLU A 387 43.00 3.00 3.58
C GLU A 387 41.93 3.41 4.61
N LEU A 388 41.33 2.46 5.32
CA LEU A 388 40.22 2.79 6.23
C LEU A 388 40.40 4.14 6.98
N PRO A 389 39.47 5.10 6.78
CA PRO A 389 39.55 6.39 7.50
C PRO A 389 39.35 6.24 9.02
N SER A 390 39.85 7.21 9.79
CA SER A 390 39.74 7.19 11.25
C SER A 390 38.31 7.51 11.66
N GLN A 391 37.62 8.23 10.79
CA GLN A 391 36.21 8.52 10.99
C GLN A 391 35.54 8.83 9.66
N PHE A 392 34.24 8.60 9.60
CA PHE A 392 33.45 8.90 8.42
C PHE A 392 32.22 9.77 8.79
N VAL A 393 31.57 10.32 7.78
CA VAL A 393 30.47 11.23 7.99
C VAL A 393 29.23 10.35 8.20
N MET A 394 29.12 9.28 7.43
CA MET A 394 27.90 8.49 7.37
C MET A 394 28.17 7.10 6.79
N GLN A 395 27.40 6.12 7.25
CA GLN A 395 27.47 4.78 6.65
C GLN A 395 26.94 4.82 5.23
N GLY A 396 25.90 5.60 5.00
CA GLY A 396 25.17 5.52 3.75
C GLY A 396 24.76 4.07 3.46
N PHE A 397 24.98 3.64 2.22
CA PHE A 397 24.62 2.30 1.82
C PHE A 397 25.77 1.29 1.96
N ASP A 398 26.85 1.67 2.63
CA ASP A 398 27.99 0.76 2.84
C ASP A 398 27.67 -0.41 3.73
N PHE A 399 28.21 -1.58 3.41
CA PHE A 399 28.10 -2.71 4.32
C PHE A 399 28.91 -2.41 5.57
N GLU A 400 30.00 -1.69 5.35
CA GLU A 400 31.01 -1.38 6.36
C GLU A 400 30.58 -0.35 7.39
N GLY A 401 31.20 -0.44 8.56
CA GLY A 401 31.06 0.57 9.59
C GLY A 401 29.74 0.44 10.33
N PHE A 402 29.09 1.58 10.52
CA PHE A 402 27.86 1.64 11.30
C PHE A 402 27.26 2.99 11.05
N PRO A 403 25.94 3.10 11.21
CA PRO A 403 25.26 4.37 10.93
C PRO A 403 25.62 5.39 11.99
N THR A 404 25.65 6.65 11.56
CA THR A 404 26.08 7.73 12.41
C THR A 404 24.93 8.71 12.60
N LEU A 405 25.18 9.78 13.34
CA LEU A 405 24.21 10.86 13.48
C LEU A 405 23.81 11.51 12.14
N MET A 406 24.69 11.48 11.15
CA MET A 406 24.32 11.97 9.83
C MET A 406 23.28 11.07 9.17
N ASP A 407 23.46 9.76 9.30
CA ASP A 407 22.41 8.84 8.86
C ASP A 407 21.10 9.16 9.61
N ALA A 408 21.22 9.40 10.90
CA ALA A 408 20.03 9.77 11.68
C ALA A 408 19.42 11.05 11.13
N LEU A 409 20.28 12.00 10.80
CA LEU A 409 19.81 13.33 10.40
C LEU A 409 19.01 13.25 9.10
N ILE A 410 19.54 12.48 8.15
CA ILE A 410 18.87 12.25 6.88
C ILE A 410 17.51 11.57 7.08
N LEU A 411 17.47 10.61 7.99
CA LEU A 411 16.19 9.96 8.32
C LEU A 411 15.19 10.98 8.90
N HIS A 412 15.68 11.83 9.79
CA HIS A 412 14.83 12.88 10.35
C HIS A 412 14.27 13.77 9.27
N ARG A 413 15.07 14.05 8.24
CA ARG A 413 14.59 14.88 7.14
C ARG A 413 13.46 14.16 6.39
N LEU A 414 13.60 12.86 6.23
CA LEU A 414 12.56 12.09 5.55
C LEU A 414 11.28 12.09 6.39
N ILE A 415 11.42 11.88 7.71
CA ILE A 415 10.25 11.93 8.61
C ILE A 415 9.58 13.31 8.64
N GLU A 416 10.36 14.37 8.82
CA GLU A 416 9.79 15.70 8.67
C GLU A 416 9.03 15.79 7.35
N SER A 417 9.62 15.29 6.27
CA SER A 417 8.97 15.42 4.96
C SER A 417 7.63 14.65 4.90
N VAL A 418 7.58 13.51 5.56
CA VAL A 418 6.32 12.74 5.63
C VAL A 418 5.21 13.58 6.25
N TYR A 419 5.53 14.21 7.38
CA TYR A 419 4.57 15.06 8.06
C TYR A 419 4.21 16.29 7.23
N LYS A 420 5.19 16.84 6.53
CA LYS A 420 4.96 18.06 5.74
C LYS A 420 4.01 17.70 4.60
N SER A 421 4.28 16.57 3.97
CA SER A 421 3.50 16.09 2.82
C SER A 421 2.05 15.96 3.21
N ASN A 422 1.82 15.43 4.40
CA ASN A 422 0.47 15.27 4.93
C ASN A 422 -0.19 16.64 5.15
N MET A 423 0.54 17.54 5.79
CA MET A 423 0.08 18.90 6.04
C MET A 423 -0.20 19.69 4.76
N MET A 424 0.66 19.58 3.76
CA MET A 424 0.54 20.38 2.53
C MET A 424 -0.43 19.72 1.57
N GLY A 425 -0.58 18.40 1.70
CA GLY A 425 -1.41 17.68 0.78
C GLY A 425 -0.78 17.65 -0.61
N SER A 426 0.53 17.45 -0.65
CA SER A 426 1.17 17.31 -1.96
C SER A 426 2.30 16.29 -1.96
N THR A 427 2.62 15.77 -3.13
CA THR A 427 3.77 14.92 -3.30
C THR A 427 5.04 15.78 -3.20
N LEU A 428 6.03 15.31 -2.46
CA LEU A 428 7.19 16.17 -2.16
C LEU A 428 8.44 15.60 -2.81
N ASN A 429 9.26 16.49 -3.34
CA ASN A 429 10.57 16.13 -3.86
C ASN A 429 11.55 16.02 -2.67
N VAL A 430 12.05 14.82 -2.41
CA VAL A 430 13.00 14.64 -1.31
C VAL A 430 14.35 14.15 -1.83
N SER A 431 14.57 14.33 -3.13
CA SER A 431 15.77 13.82 -3.82
C SER A 431 17.08 14.36 -3.22
N ASN A 432 17.05 15.55 -2.61
CA ASN A 432 18.29 16.10 -2.05
C ASN A 432 18.52 16.01 -0.54
N ILE A 433 17.67 15.30 0.19
CA ILE A 433 17.80 15.34 1.64
C ILE A 433 19.04 14.61 2.11
N SER A 434 19.57 13.73 1.27
CA SER A 434 20.77 13.00 1.67
C SER A 434 22.06 13.82 1.49
N HIS A 435 22.04 14.88 0.69
CA HIS A 435 23.32 15.50 0.33
C HIS A 435 23.42 17.00 0.52
N TYR A 436 22.28 17.71 0.55
CA TYR A 436 22.34 19.12 0.86
C TYR A 436 22.94 19.31 2.23
N SER A 437 23.78 20.32 2.34
CA SER A 437 24.31 20.79 3.62
C SER A 437 24.24 22.31 3.69
N LEU A 438 23.46 22.86 4.63
CA LEU A 438 22.60 22.13 5.56
C LEU A 438 23.30 20.97 6.27
N ALA B 19 -44.22 -9.74 -23.17
CA ALA B 19 -43.31 -9.74 -22.02
C ALA B 19 -41.85 -9.54 -22.41
N PRO B 20 -41.31 -10.39 -23.30
CA PRO B 20 -39.87 -10.40 -23.60
C PRO B 20 -39.29 -9.03 -23.91
N ILE B 21 -38.16 -8.72 -23.31
CA ILE B 21 -37.43 -7.48 -23.58
C ILE B 21 -36.72 -7.59 -24.93
N ARG B 22 -37.09 -6.73 -25.88
CA ARG B 22 -36.52 -6.77 -27.23
C ARG B 22 -35.17 -6.05 -27.29
N VAL B 23 -34.13 -6.78 -27.69
CA VAL B 23 -32.76 -6.28 -27.61
C VAL B 23 -32.06 -6.09 -28.96
N GLY B 24 -31.55 -4.88 -29.18
CA GLY B 24 -30.73 -4.56 -30.35
C GLY B 24 -29.26 -4.52 -29.97
N PHE B 25 -28.43 -5.22 -30.74
CA PHE B 25 -27.04 -5.42 -30.36
C PHE B 25 -26.01 -4.86 -31.34
N VAL B 26 -25.11 -4.04 -30.83
CA VAL B 26 -23.96 -3.58 -31.58
C VAL B 26 -22.70 -4.21 -31.00
N GLY B 27 -22.04 -5.09 -31.77
CA GLY B 27 -20.78 -5.64 -31.34
C GLY B 27 -20.86 -7.13 -31.05
N LEU B 28 -21.98 -7.75 -31.44
CA LEU B 28 -22.15 -9.17 -31.27
C LEU B 28 -21.69 -9.92 -32.52
N ASN B 29 -20.76 -10.84 -32.36
CA ASN B 29 -20.25 -11.61 -33.49
C ASN B 29 -20.05 -13.07 -33.10
N ALA B 30 -20.83 -13.95 -33.73
CA ALA B 30 -20.80 -15.37 -33.36
C ALA B 30 -19.43 -16.03 -33.50
N ALA B 31 -18.56 -15.44 -34.31
CA ALA B 31 -17.25 -16.03 -34.57
C ALA B 31 -16.10 -15.32 -33.85
N LYS B 32 -16.34 -14.10 -33.39
CA LYS B 32 -15.27 -13.27 -32.84
C LYS B 32 -15.81 -12.30 -31.78
N GLY B 33 -14.94 -11.87 -30.88
CA GLY B 33 -15.31 -10.91 -29.86
C GLY B 33 -15.72 -11.53 -28.54
N TRP B 34 -16.05 -10.68 -27.57
CA TRP B 34 -16.38 -11.17 -26.24
C TRP B 34 -17.86 -11.04 -25.90
N ALA B 35 -18.62 -10.31 -26.72
CA ALA B 35 -20.05 -10.23 -26.50
C ALA B 35 -20.63 -11.64 -26.67
N ILE B 36 -20.09 -12.38 -27.63
CA ILE B 36 -20.52 -13.75 -27.86
C ILE B 36 -20.21 -14.65 -26.67
N LYS B 37 -19.18 -14.28 -25.91
CA LYS B 37 -18.72 -15.11 -24.79
C LYS B 37 -19.33 -14.73 -23.44
N THR B 38 -19.93 -13.54 -23.34
CA THR B 38 -20.46 -13.07 -22.08
C THR B 38 -21.93 -12.69 -22.17
N HIS B 39 -22.23 -11.66 -22.95
CA HIS B 39 -23.61 -11.24 -23.12
C HIS B 39 -24.49 -12.34 -23.70
N TYR B 40 -24.00 -13.00 -24.74
CA TYR B 40 -24.84 -13.97 -25.44
C TYR B 40 -25.31 -15.12 -24.53
N PRO B 41 -24.37 -15.81 -23.89
CA PRO B 41 -24.78 -16.90 -22.98
C PRO B 41 -25.87 -16.45 -22.01
N ALA B 42 -25.72 -15.26 -21.45
CA ALA B 42 -26.73 -14.72 -20.52
C ALA B 42 -28.11 -14.61 -21.17
N ILE B 43 -28.17 -13.90 -22.29
CA ILE B 43 -29.44 -13.70 -23.00
C ILE B 43 -30.04 -15.04 -23.45
N LEU B 44 -29.17 -16.01 -23.73
CA LEU B 44 -29.60 -17.32 -24.19
C LEU B 44 -30.37 -18.03 -23.09
N GLN B 45 -29.89 -17.88 -21.87
CA GLN B 45 -30.47 -18.57 -20.71
C GLN B 45 -31.77 -17.90 -20.25
N LEU B 46 -31.86 -16.60 -20.44
CA LEU B 46 -33.05 -15.85 -20.07
C LEU B 46 -33.89 -15.57 -21.32
N SER B 47 -34.02 -16.59 -22.16
CA SER B 47 -34.73 -16.52 -23.42
C SER B 47 -36.13 -15.95 -23.26
N SER B 48 -36.70 -16.12 -22.07
CA SER B 48 -38.03 -15.60 -21.79
C SER B 48 -38.00 -14.08 -21.68
N GLN B 49 -37.15 -13.59 -20.79
CA GLN B 49 -37.09 -12.16 -20.48
C GLN B 49 -36.45 -11.32 -21.57
N PHE B 50 -35.64 -11.94 -22.43
CA PHE B 50 -34.92 -11.22 -23.47
C PHE B 50 -34.98 -11.89 -24.83
N GLN B 51 -35.09 -11.08 -25.88
CA GLN B 51 -35.01 -11.57 -27.24
C GLN B 51 -34.25 -10.60 -28.14
N ILE B 52 -33.31 -11.13 -28.90
CA ILE B 52 -32.54 -10.32 -29.84
C ILE B 52 -33.29 -10.11 -31.14
N THR B 53 -33.87 -8.92 -31.30
CA THR B 53 -34.70 -8.61 -32.46
C THR B 53 -33.96 -7.79 -33.50
N ALA B 54 -32.80 -7.26 -33.12
CA ALA B 54 -32.02 -6.41 -34.02
C ALA B 54 -30.53 -6.63 -33.82
N LEU B 55 -29.75 -6.32 -34.84
CA LEU B 55 -28.31 -6.55 -34.80
C LEU B 55 -27.66 -5.62 -35.81
N TYR B 56 -26.53 -5.01 -35.46
CA TYR B 56 -25.85 -4.15 -36.41
C TYR B 56 -24.33 -4.18 -36.31
N SER B 57 -23.69 -4.08 -37.47
CA SER B 57 -22.25 -3.87 -37.55
C SER B 57 -21.92 -3.32 -38.92
N PRO B 58 -20.73 -2.71 -39.07
CA PRO B 58 -20.32 -2.16 -40.36
C PRO B 58 -20.48 -3.21 -41.45
N LYS B 59 -19.77 -4.33 -41.32
CA LYS B 59 -19.90 -5.43 -42.26
C LYS B 59 -21.22 -6.16 -42.04
N ILE B 60 -22.25 -5.71 -42.75
CA ILE B 60 -23.59 -6.28 -42.61
C ILE B 60 -23.59 -7.80 -42.73
N GLU B 61 -22.55 -8.35 -43.36
CA GLU B 61 -22.43 -9.80 -43.51
C GLU B 61 -22.42 -10.52 -42.16
N THR B 62 -21.40 -10.26 -41.35
CA THR B 62 -21.26 -10.91 -40.05
C THR B 62 -22.52 -10.82 -39.18
N SER B 63 -23.27 -9.73 -39.32
CA SER B 63 -24.57 -9.63 -38.66
C SER B 63 -25.47 -10.76 -39.15
N ILE B 64 -25.70 -10.77 -40.46
CA ILE B 64 -26.48 -11.83 -41.09
C ILE B 64 -25.92 -13.20 -40.77
N ALA B 65 -24.61 -13.34 -40.90
CA ALA B 65 -23.94 -14.59 -40.54
C ALA B 65 -24.31 -15.01 -39.13
N THR B 66 -24.16 -14.09 -38.18
CA THR B 66 -24.42 -14.35 -36.76
C THR B 66 -25.87 -14.72 -36.49
N ILE B 67 -26.78 -13.99 -37.13
CA ILE B 67 -28.20 -14.22 -36.94
C ILE B 67 -28.53 -15.63 -37.40
N GLN B 68 -27.77 -16.12 -38.35
CA GLN B 68 -27.96 -17.45 -38.88
C GLN B 68 -27.24 -18.47 -38.01
N ARG B 69 -25.95 -18.24 -37.80
CA ARG B 69 -25.10 -19.17 -37.05
C ARG B 69 -25.62 -19.39 -35.62
N LEU B 70 -26.47 -18.49 -35.15
CA LEU B 70 -27.02 -18.60 -33.80
C LEU B 70 -28.50 -18.93 -33.78
N LYS B 71 -29.13 -18.94 -34.96
CA LYS B 71 -30.56 -19.24 -35.07
C LYS B 71 -31.41 -18.16 -34.38
N LEU B 72 -31.09 -16.90 -34.62
CA LEU B 72 -31.84 -15.80 -34.03
C LEU B 72 -33.02 -15.42 -34.93
N SER B 73 -34.08 -16.21 -34.87
CA SER B 73 -35.19 -16.10 -35.82
C SER B 73 -36.05 -14.85 -35.64
N ASN B 74 -35.66 -13.99 -34.70
CA ASN B 74 -36.36 -12.72 -34.50
C ASN B 74 -35.48 -11.52 -34.85
N ALA B 75 -34.20 -11.79 -35.05
CA ALA B 75 -33.23 -10.74 -35.31
C ALA B 75 -33.10 -10.43 -36.80
N THR B 76 -33.19 -9.15 -37.14
CA THR B 76 -32.94 -8.71 -38.50
C THR B 76 -31.68 -7.86 -38.53
N ALA B 77 -30.86 -8.06 -39.55
CA ALA B 77 -29.58 -7.35 -39.66
C ALA B 77 -29.72 -6.00 -40.37
N PHE B 78 -29.66 -4.93 -39.60
CA PHE B 78 -29.81 -3.59 -40.16
C PHE B 78 -28.56 -3.13 -40.91
N PRO B 79 -28.76 -2.36 -42.00
CA PRO B 79 -27.71 -1.94 -42.92
C PRO B 79 -26.93 -0.76 -42.37
N THR B 80 -27.64 0.20 -41.79
CA THR B 80 -27.03 1.42 -41.29
C THR B 80 -27.26 1.57 -39.80
N LEU B 81 -26.45 2.38 -39.15
CA LEU B 81 -26.66 2.67 -37.74
C LEU B 81 -27.99 3.40 -37.60
N GLU B 82 -28.31 4.23 -38.60
CA GLU B 82 -29.54 5.00 -38.61
C GLU B 82 -30.78 4.10 -38.59
N SER B 83 -30.83 3.16 -39.52
CA SER B 83 -31.94 2.20 -39.56
C SER B 83 -32.01 1.45 -38.24
N PHE B 84 -30.88 0.90 -37.80
CA PHE B 84 -30.80 0.19 -36.53
C PHE B 84 -31.41 1.00 -35.39
N ALA B 85 -30.92 2.22 -35.20
CA ALA B 85 -31.32 3.06 -34.07
C ALA B 85 -32.76 3.55 -34.16
N SER B 86 -33.25 3.70 -35.39
CA SER B 86 -34.60 4.20 -35.62
C SER B 86 -35.65 3.13 -35.40
N SER B 87 -35.29 1.89 -35.72
CA SER B 87 -36.22 0.78 -35.59
C SER B 87 -37.03 0.84 -34.30
N SER B 88 -38.28 0.38 -34.36
CA SER B 88 -39.14 0.36 -33.19
C SER B 88 -39.29 -1.06 -32.66
N THR B 89 -38.57 -2.00 -33.27
CA THR B 89 -38.57 -3.38 -32.82
C THR B 89 -37.63 -3.58 -31.65
N ILE B 90 -37.01 -2.48 -31.20
CA ILE B 90 -35.97 -2.53 -30.18
C ILE B 90 -36.37 -1.85 -28.87
N ASP B 91 -36.18 -2.56 -27.76
CA ASP B 91 -36.49 -2.01 -26.44
C ASP B 91 -35.23 -1.67 -25.66
N MET B 92 -34.21 -2.52 -25.80
CA MET B 92 -32.94 -2.28 -25.13
C MET B 92 -31.78 -2.35 -26.12
N ILE B 93 -30.98 -1.29 -26.16
CA ILE B 93 -29.80 -1.29 -27.01
C ILE B 93 -28.56 -1.61 -26.18
N VAL B 94 -27.76 -2.55 -26.68
CA VAL B 94 -26.51 -2.92 -26.02
C VAL B 94 -25.34 -2.55 -26.91
N ILE B 95 -24.40 -1.79 -26.39
CA ILE B 95 -23.18 -1.45 -27.12
C ILE B 95 -22.01 -2.23 -26.54
N ALA B 96 -21.51 -3.20 -27.30
CA ALA B 96 -20.36 -4.00 -26.85
C ALA B 96 -19.23 -3.94 -27.88
N ILE B 97 -18.75 -2.73 -28.11
CA ILE B 97 -17.65 -2.49 -29.04
C ILE B 97 -16.52 -1.86 -28.25
N GLN B 98 -15.36 -1.67 -28.88
CA GLN B 98 -14.21 -1.10 -28.19
C GLN B 98 -14.53 0.30 -27.67
N VAL B 99 -14.04 0.61 -26.48
CA VAL B 99 -14.30 1.90 -25.85
C VAL B 99 -13.99 3.06 -26.81
N ALA B 100 -12.91 2.94 -27.56
CA ALA B 100 -12.53 4.02 -28.48
C ALA B 100 -13.61 4.36 -29.52
N SER B 101 -14.57 3.46 -29.71
CA SER B 101 -15.65 3.66 -30.68
C SER B 101 -16.97 4.08 -30.03
N HIS B 102 -17.01 4.08 -28.71
CA HIS B 102 -18.24 4.39 -27.96
C HIS B 102 -18.85 5.73 -28.33
N TYR B 103 -18.04 6.78 -28.25
CA TYR B 103 -18.53 8.14 -28.52
C TYR B 103 -19.05 8.27 -29.94
N GLU B 104 -18.24 7.84 -30.92
CA GLU B 104 -18.62 8.02 -32.33
C GLU B 104 -19.88 7.24 -32.68
N VAL B 105 -20.12 6.13 -31.99
CA VAL B 105 -21.31 5.33 -32.26
C VAL B 105 -22.52 5.77 -31.44
N VAL B 106 -22.33 5.94 -30.14
CA VAL B 106 -23.45 6.22 -29.24
C VAL B 106 -24.12 7.57 -29.49
N MET B 107 -23.34 8.60 -29.80
CA MET B 107 -23.90 9.93 -30.01
C MET B 107 -24.93 9.98 -31.13
N PRO B 108 -24.56 9.55 -32.35
CA PRO B 108 -25.49 9.50 -33.47
C PRO B 108 -26.62 8.52 -33.20
N LEU B 109 -26.28 7.39 -32.58
CA LEU B 109 -27.27 6.37 -32.25
C LEU B 109 -28.38 6.95 -31.37
N LEU B 110 -27.98 7.66 -30.32
CA LEU B 110 -28.96 8.29 -29.42
C LEU B 110 -29.83 9.27 -30.18
N GLU B 111 -29.25 9.94 -31.18
CA GLU B 111 -30.01 10.90 -31.97
C GLU B 111 -31.04 10.20 -32.85
N PHE B 112 -30.61 9.18 -33.59
CA PHE B 112 -31.54 8.41 -34.43
C PHE B 112 -32.54 7.69 -33.54
N SER B 113 -32.10 7.38 -32.32
CA SER B 113 -32.94 6.69 -31.33
C SER B 113 -34.30 7.35 -31.16
N LYS B 114 -34.37 8.63 -31.49
CA LYS B 114 -35.59 9.40 -31.24
C LYS B 114 -36.77 8.89 -32.07
N ASN B 115 -36.48 8.13 -33.12
CA ASN B 115 -37.51 7.54 -33.98
C ASN B 115 -38.04 6.22 -33.42
N ASN B 116 -37.54 5.82 -32.26
CA ASN B 116 -38.00 4.61 -31.59
C ASN B 116 -38.71 4.92 -30.28
N PRO B 117 -40.04 4.95 -30.31
CA PRO B 117 -40.89 5.25 -29.15
C PRO B 117 -40.81 4.15 -28.09
N ASN B 118 -40.29 2.98 -28.48
CA ASN B 118 -40.25 1.85 -27.57
C ASN B 118 -38.95 1.73 -26.78
N LEU B 119 -37.91 2.44 -27.22
CA LEU B 119 -36.61 2.36 -26.55
C LEU B 119 -36.74 2.72 -25.07
N LYS B 120 -36.31 1.81 -24.21
CA LYS B 120 -36.40 2.02 -22.77
C LYS B 120 -35.04 1.92 -22.11
N TYR B 121 -34.11 1.22 -22.74
CA TYR B 121 -32.83 0.92 -22.11
C TYR B 121 -31.64 1.10 -23.01
N LEU B 122 -30.57 1.66 -22.43
CA LEU B 122 -29.28 1.71 -23.09
C LEU B 122 -28.21 1.07 -22.21
N PHE B 123 -27.58 0.03 -22.73
CA PHE B 123 -26.62 -0.75 -21.97
C PHE B 123 -25.24 -0.56 -22.60
N VAL B 124 -24.29 0.00 -21.84
CA VAL B 124 -22.94 0.23 -22.34
C VAL B 124 -21.92 -0.43 -21.44
N GLU B 125 -20.84 -0.94 -22.03
CA GLU B 125 -19.77 -1.52 -21.24
C GLU B 125 -18.83 -0.47 -20.66
N TRP B 126 -18.20 -0.80 -19.55
CA TRP B 126 -17.13 0.02 -18.98
C TRP B 126 -15.87 -0.27 -19.77
N ALA B 127 -15.09 0.75 -20.13
CA ALA B 127 -15.34 2.13 -19.74
C ALA B 127 -16.34 2.82 -20.66
N LEU B 128 -17.02 3.82 -20.13
CA LEU B 128 -18.04 4.52 -20.89
C LEU B 128 -17.42 5.24 -22.10
N ALA B 129 -16.29 5.90 -21.88
CA ALA B 129 -15.63 6.64 -22.96
C ALA B 129 -14.13 6.75 -22.72
N CYS B 130 -13.45 7.46 -23.62
CA CYS B 130 -12.00 7.62 -23.55
C CYS B 130 -11.54 8.79 -22.69
N SER B 131 -12.49 9.63 -22.28
CA SER B 131 -12.16 10.79 -21.44
C SER B 131 -13.40 11.21 -20.67
N LEU B 132 -13.18 11.95 -19.59
CA LEU B 132 -14.28 12.47 -18.79
C LEU B 132 -15.16 13.36 -19.68
N ASP B 133 -14.52 14.19 -20.48
CA ASP B 133 -15.25 15.05 -21.43
C ASP B 133 -16.23 14.25 -22.28
N GLN B 134 -15.74 13.21 -22.94
CA GLN B 134 -16.59 12.31 -23.72
C GLN B 134 -17.69 11.70 -22.85
N ALA B 135 -17.31 11.25 -21.65
CA ALA B 135 -18.27 10.57 -20.77
C ALA B 135 -19.43 11.50 -20.42
N GLU B 136 -19.10 12.75 -20.09
CA GLU B 136 -20.12 13.75 -19.80
C GLU B 136 -21.03 14.04 -20.98
N SER B 137 -20.47 14.08 -22.18
CA SER B 137 -21.29 14.29 -23.38
C SER B 137 -22.27 13.15 -23.57
N ILE B 138 -21.78 11.93 -23.39
CA ILE B 138 -22.61 10.75 -23.55
C ILE B 138 -23.69 10.73 -22.49
N TYR B 139 -23.32 11.02 -21.24
CA TYR B 139 -24.32 11.04 -20.19
C TYR B 139 -25.40 12.05 -20.52
N LYS B 140 -24.96 13.27 -20.81
CA LYS B 140 -25.89 14.34 -21.17
C LYS B 140 -26.84 13.91 -22.30
N ALA B 141 -26.29 13.37 -23.38
CA ALA B 141 -27.13 12.94 -24.49
C ALA B 141 -28.09 11.81 -24.08
N ALA B 142 -27.62 10.88 -23.24
CA ALA B 142 -28.47 9.80 -22.78
C ALA B 142 -29.58 10.35 -21.89
N ALA B 143 -29.22 11.20 -20.95
CA ALA B 143 -30.17 11.79 -20.03
C ALA B 143 -31.23 12.60 -20.78
N GLU B 144 -30.80 13.46 -21.70
CA GLU B 144 -31.75 14.25 -22.48
C GLU B 144 -32.46 13.36 -23.51
N ARG B 145 -32.24 12.06 -23.41
CA ARG B 145 -32.92 11.10 -24.26
C ARG B 145 -34.02 10.40 -23.47
N GLY B 146 -33.89 10.40 -22.14
CA GLY B 146 -34.91 9.88 -21.27
C GLY B 146 -34.85 8.40 -20.96
N VAL B 147 -33.99 7.66 -21.67
CA VAL B 147 -33.88 6.21 -21.48
C VAL B 147 -33.19 5.87 -20.18
N GLN B 148 -33.56 4.72 -19.61
CA GLN B 148 -32.82 4.20 -18.46
C GLN B 148 -31.51 3.63 -18.97
N THR B 149 -30.42 3.95 -18.28
CA THR B 149 -29.11 3.49 -18.71
C THR B 149 -28.52 2.44 -17.79
N ILE B 150 -27.70 1.57 -18.36
CA ILE B 150 -26.97 0.57 -17.59
C ILE B 150 -25.49 0.63 -17.99
N ILE B 151 -24.59 0.56 -17.01
CA ILE B 151 -23.18 0.41 -17.30
C ILE B 151 -22.74 -0.99 -16.84
N SER B 152 -21.89 -1.64 -17.62
CA SER B 152 -21.40 -2.97 -17.27
C SER B 152 -20.32 -2.94 -16.17
N LEU B 153 -20.70 -2.53 -14.97
CA LEU B 153 -19.83 -2.68 -13.80
C LEU B 153 -20.27 -3.98 -13.09
N GLN B 154 -20.17 -5.09 -13.81
CA GLN B 154 -20.77 -6.36 -13.39
C GLN B 154 -20.15 -6.93 -12.14
N GLY B 155 -19.08 -6.29 -11.65
CA GLY B 155 -18.45 -6.68 -10.41
C GLY B 155 -19.41 -6.48 -9.24
N ARG B 156 -20.27 -5.47 -9.38
CA ARG B 156 -21.27 -5.19 -8.36
C ARG B 156 -22.26 -6.35 -8.22
N LYS B 157 -22.24 -7.28 -9.18
CA LYS B 157 -23.18 -8.41 -9.21
C LYS B 157 -22.50 -9.74 -8.86
N SER B 158 -21.21 -9.69 -8.54
CA SER B 158 -20.52 -10.89 -8.09
C SER B 158 -21.11 -11.39 -6.77
N PRO B 159 -21.20 -12.72 -6.61
CA PRO B 159 -21.76 -13.24 -5.36
C PRO B 159 -20.82 -12.93 -4.20
N TYR B 160 -19.52 -12.92 -4.48
CA TYR B 160 -18.53 -12.56 -3.45
C TYR B 160 -18.65 -11.12 -2.98
N ILE B 161 -18.79 -10.21 -3.93
CA ILE B 161 -18.96 -8.80 -3.60
C ILE B 161 -20.22 -8.57 -2.78
N LEU B 162 -21.34 -9.15 -3.23
CA LEU B 162 -22.60 -8.94 -2.52
C LEU B 162 -22.55 -9.52 -1.10
N ARG B 163 -21.95 -10.70 -0.94
CA ARG B 163 -21.78 -11.28 0.39
C ARG B 163 -20.94 -10.37 1.28
N ALA B 164 -19.82 -9.87 0.75
CA ALA B 164 -18.98 -8.95 1.53
C ALA B 164 -19.75 -7.69 1.93
N LYS B 165 -20.47 -7.11 0.97
CA LYS B 165 -21.27 -5.91 1.20
C LYS B 165 -22.29 -6.17 2.32
N GLU B 166 -22.93 -7.34 2.27
CA GLU B 166 -23.95 -7.69 3.25
C GLU B 166 -23.33 -7.76 4.63
N LEU B 167 -22.20 -8.47 4.75
CA LEU B 167 -21.51 -8.62 6.03
C LEU B 167 -21.12 -7.25 6.60
N ILE B 168 -20.52 -6.43 5.75
CA ILE B 168 -20.12 -5.11 6.19
C ILE B 168 -21.32 -4.28 6.63
N SER B 169 -22.35 -4.24 5.81
CA SER B 169 -23.51 -3.41 6.11
C SER B 169 -24.20 -3.89 7.39
N GLN B 170 -24.14 -5.19 7.67
CA GLN B 170 -24.81 -5.72 8.88
C GLN B 170 -23.98 -5.68 10.14
N GLY B 171 -22.80 -5.06 10.08
CA GLY B 171 -22.00 -4.89 11.27
C GLY B 171 -21.10 -6.07 11.61
N TYR B 172 -21.05 -7.05 10.71
CA TYR B 172 -20.28 -8.26 11.00
C TYR B 172 -18.80 -8.01 11.20
N ILE B 173 -18.25 -6.97 10.57
CA ILE B 173 -16.83 -6.70 10.78
C ILE B 173 -16.56 -5.50 11.70
N GLY B 174 -17.63 -4.87 12.16
CA GLY B 174 -17.51 -3.70 13.01
C GLY B 174 -17.29 -2.50 12.11
N ASP B 175 -16.69 -1.44 12.64
CA ASP B 175 -16.30 -0.32 11.82
C ASP B 175 -15.05 -0.66 11.01
N ILE B 176 -14.93 -0.09 9.81
CA ILE B 176 -13.72 -0.30 9.02
C ILE B 176 -12.58 0.57 9.53
N ASN B 177 -11.51 -0.06 9.98
CA ASN B 177 -10.34 0.66 10.43
C ASN B 177 -9.42 1.05 9.26
N SER B 178 -9.18 0.12 8.34
CA SER B 178 -8.28 0.37 7.22
C SER B 178 -8.43 -0.67 6.11
N ILE B 179 -7.91 -0.36 4.93
CA ILE B 179 -8.05 -1.23 3.75
C ILE B 179 -6.79 -1.29 2.91
N GLU B 180 -6.39 -2.46 2.46
CA GLU B 180 -5.31 -2.55 1.45
C GLU B 180 -5.75 -3.32 0.22
N ILE B 181 -5.31 -2.84 -0.92
CA ILE B 181 -5.60 -3.50 -2.17
C ILE B 181 -4.32 -3.72 -2.96
N ALA B 182 -4.14 -4.94 -3.43
CA ALA B 182 -3.01 -5.25 -4.31
C ALA B 182 -3.56 -5.99 -5.51
N GLY B 183 -3.16 -5.58 -6.71
CA GLY B 183 -3.63 -6.22 -7.92
C GLY B 183 -2.61 -6.19 -9.04
N ASN B 184 -2.92 -6.93 -10.12
CA ASN B 184 -2.19 -6.85 -11.39
C ASN B 184 -3.14 -6.51 -12.55
N GLY B 185 -2.59 -5.97 -13.63
CA GLY B 185 -3.39 -5.63 -14.80
C GLY B 185 -3.14 -6.58 -15.95
N GLY B 186 -2.26 -7.56 -15.71
CA GLY B 186 -2.05 -8.65 -16.63
C GLY B 186 -1.11 -8.42 -17.81
N TRP B 187 -1.44 -7.43 -18.63
CA TRP B 187 -0.81 -7.32 -19.95
C TRP B 187 0.16 -6.15 -20.10
N TYR B 188 0.37 -5.43 -19.01
CA TYR B 188 1.13 -4.20 -19.06
C TYR B 188 2.47 -4.34 -18.34
N GLY B 189 3.05 -5.54 -18.42
CA GLY B 189 4.35 -5.81 -17.84
C GLY B 189 5.42 -5.73 -18.90
N TYR B 190 6.54 -6.42 -18.68
CA TYR B 190 7.68 -6.35 -19.59
C TYR B 190 7.45 -7.04 -20.95
N GLU B 191 6.26 -7.59 -21.15
CA GLU B 191 6.01 -8.36 -22.37
C GLU B 191 4.61 -8.18 -22.92
N ARG B 192 4.51 -8.32 -24.24
CA ARG B 192 3.23 -8.30 -24.92
C ARG B 192 3.21 -9.41 -25.96
N PRO B 193 2.11 -10.16 -26.01
CA PRO B 193 1.90 -11.15 -27.08
C PRO B 193 1.81 -10.48 -28.45
N VAL B 194 2.59 -10.97 -29.42
CA VAL B 194 2.58 -10.42 -30.77
C VAL B 194 1.15 -10.32 -31.31
N LYS B 195 0.32 -11.28 -30.92
CA LYS B 195 -1.07 -11.36 -31.38
C LYS B 195 -1.95 -10.26 -30.78
N SER B 196 -1.41 -9.48 -29.85
CA SER B 196 -2.22 -8.49 -29.13
C SER B 196 -2.40 -7.15 -29.84
N PRO B 197 -3.64 -6.65 -29.84
CA PRO B 197 -4.09 -5.39 -30.44
C PRO B 197 -3.25 -4.21 -29.95
N LYS B 198 -2.67 -3.46 -30.88
CA LYS B 198 -1.82 -2.33 -30.53
C LYS B 198 -2.55 -1.28 -29.71
N TYR B 199 -3.84 -1.08 -29.98
CA TYR B 199 -4.59 0.01 -29.37
C TYR B 199 -4.74 -0.11 -27.86
N ILE B 200 -4.58 -1.32 -27.34
CA ILE B 200 -4.69 -1.57 -25.91
C ILE B 200 -3.55 -0.92 -25.14
N TYR B 201 -2.51 -0.51 -25.86
CA TYR B 201 -1.27 -0.04 -25.27
C TYR B 201 -0.98 1.42 -25.57
N GLU B 202 -1.96 2.10 -26.15
CA GLU B 202 -1.79 3.49 -26.58
C GLU B 202 -2.71 4.35 -25.74
N ILE B 203 -2.18 5.44 -25.18
CA ILE B 203 -2.96 6.23 -24.22
C ILE B 203 -4.16 6.87 -24.93
N GLY B 204 -5.26 7.07 -24.19
CA GLY B 204 -6.41 7.77 -24.73
C GLY B 204 -7.40 6.91 -25.50
N ASN B 205 -7.19 5.61 -25.51
CA ASN B 205 -8.12 4.70 -26.17
C ASN B 205 -9.11 4.06 -25.19
N GLY B 206 -9.14 4.58 -23.97
CA GLY B 206 -10.14 4.16 -23.00
C GLY B 206 -9.92 2.79 -22.36
N VAL B 207 -8.74 2.21 -22.56
CA VAL B 207 -8.40 0.93 -21.97
C VAL B 207 -6.99 0.97 -21.40
N ASP B 208 -6.85 0.74 -20.11
CA ASP B 208 -5.56 0.83 -19.45
C ASP B 208 -5.67 0.41 -17.99
N LEU B 209 -4.51 0.32 -17.35
CA LEU B 209 -4.41 -0.19 -15.98
C LEU B 209 -5.27 0.61 -15.02
N VAL B 210 -5.30 1.93 -15.20
CA VAL B 210 -6.03 2.77 -14.27
C VAL B 210 -7.53 2.76 -14.56
N THR B 211 -7.86 3.10 -15.79
CA THR B 211 -9.24 3.22 -16.20
C THR B 211 -10.00 1.92 -16.04
N THR B 212 -9.34 0.83 -16.39
CA THR B 212 -10.04 -0.44 -16.51
C THR B 212 -9.91 -1.28 -15.25
N THR B 213 -8.69 -1.73 -14.96
CA THR B 213 -8.45 -2.66 -13.87
C THR B 213 -8.69 -2.00 -12.52
N PHE B 214 -8.03 -0.88 -12.29
CA PHE B 214 -8.27 -0.11 -11.10
C PHE B 214 -9.73 0.39 -11.05
N GLY B 215 -10.27 0.80 -12.19
CA GLY B 215 -11.65 1.24 -12.25
C GLY B 215 -12.66 0.21 -11.72
N HIS B 216 -12.62 -1.00 -12.27
CA HIS B 216 -13.55 -2.04 -11.80
C HIS B 216 -13.35 -2.28 -10.30
N THR B 217 -12.09 -2.38 -9.89
CA THR B 217 -11.77 -2.72 -8.50
C THR B 217 -12.14 -1.63 -7.49
N ILE B 218 -11.79 -0.40 -7.78
CA ILE B 218 -12.04 0.67 -6.85
C ILE B 218 -13.54 0.92 -6.77
N ASP B 219 -14.24 0.64 -7.85
CA ASP B 219 -15.68 0.79 -7.83
C ASP B 219 -16.33 -0.24 -6.90
N ILE B 220 -15.91 -1.50 -6.97
CA ILE B 220 -16.50 -2.49 -6.04
C ILE B 220 -16.11 -2.16 -4.61
N LEU B 221 -14.93 -1.58 -4.42
CA LEU B 221 -14.53 -1.23 -3.05
C LEU B 221 -15.53 -0.24 -2.49
N GLN B 222 -15.83 0.80 -3.26
CA GLN B 222 -16.75 1.83 -2.81
C GLN B 222 -18.15 1.28 -2.64
N TYR B 223 -18.51 0.37 -3.54
CA TYR B 223 -19.81 -0.28 -3.46
C TYR B 223 -19.96 -1.15 -2.20
N MET B 224 -18.92 -1.93 -1.88
CA MET B 224 -18.95 -2.82 -0.71
C MET B 224 -18.94 -2.07 0.62
N THR B 225 -18.22 -0.95 0.67
CA THR B 225 -18.10 -0.21 1.91
C THR B 225 -19.18 0.87 1.96
N SER B 226 -19.95 1.00 0.89
CA SER B 226 -20.94 2.06 0.81
C SER B 226 -20.34 3.43 1.12
N SER B 227 -19.20 3.75 0.53
CA SER B 227 -18.61 5.09 0.71
C SER B 227 -17.87 5.51 -0.54
N TYR B 228 -17.92 6.80 -0.84
CA TYR B 228 -17.01 7.40 -1.82
C TYR B 228 -15.74 7.91 -1.11
N PHE B 229 -14.78 8.35 -1.91
CA PHE B 229 -13.53 8.86 -1.35
C PHE B 229 -13.65 10.34 -0.99
N SER B 230 -12.90 10.75 0.03
CA SER B 230 -12.83 12.14 0.43
C SER B 230 -11.60 12.77 -0.23
N ARG B 231 -10.45 12.15 -0.02
CA ARG B 231 -9.19 12.66 -0.56
C ARG B 231 -8.40 11.51 -1.20
N ILE B 232 -7.65 11.82 -2.25
CA ILE B 232 -6.82 10.82 -2.89
C ILE B 232 -5.49 11.40 -3.35
N ASN B 233 -4.49 10.52 -3.44
CA ASN B 233 -3.25 10.83 -4.11
C ASN B 233 -2.84 9.65 -4.96
N ALA B 234 -2.37 9.91 -6.16
CA ALA B 234 -1.89 8.85 -7.03
C ALA B 234 -0.55 9.13 -7.68
N MET B 235 0.20 8.09 -7.93
CA MET B 235 1.36 8.19 -8.80
C MET B 235 1.20 7.12 -9.87
N VAL B 236 1.30 7.54 -11.12
CA VAL B 236 1.06 6.67 -12.27
C VAL B 236 2.36 6.53 -13.03
N PHE B 237 2.73 5.29 -13.35
CA PHE B 237 4.05 5.04 -13.92
C PHE B 237 4.04 4.46 -15.32
N ASN B 238 4.93 4.96 -16.17
CA ASN B 238 5.29 4.23 -17.38
C ASN B 238 6.78 3.94 -17.31
N ASN B 239 7.15 3.01 -16.43
CA ASN B 239 8.55 2.61 -16.29
C ASN B 239 8.92 1.58 -17.35
N ILE B 240 7.93 1.15 -18.12
CA ILE B 240 8.14 0.15 -19.16
C ILE B 240 7.62 0.68 -20.49
N PRO B 241 8.34 1.66 -21.06
CA PRO B 241 7.92 2.31 -22.32
C PRO B 241 7.98 1.37 -23.51
N GLU B 242 8.73 0.27 -23.37
CA GLU B 242 8.90 -0.70 -24.46
C GLU B 242 8.71 -2.11 -23.94
N GLN B 243 7.74 -2.82 -24.50
CA GLN B 243 7.44 -4.19 -24.09
C GLN B 243 8.06 -5.18 -25.06
N GLU B 244 8.37 -6.37 -24.56
CA GLU B 244 8.89 -7.45 -25.38
C GLU B 244 7.74 -8.28 -25.91
N LEU B 245 7.69 -8.45 -27.22
CA LEU B 245 6.69 -9.31 -27.84
C LEU B 245 6.92 -10.77 -27.44
N ILE B 246 5.86 -11.50 -27.11
CA ILE B 246 5.96 -12.93 -26.83
C ILE B 246 4.99 -13.75 -27.70
N ASP B 247 5.30 -15.04 -27.87
CA ASP B 247 4.43 -15.94 -28.63
C ASP B 247 3.44 -16.65 -27.70
N GLU B 248 2.61 -17.50 -28.30
CA GLU B 248 1.56 -18.21 -27.57
C GLU B 248 2.14 -19.10 -26.46
N ARG B 249 3.37 -19.56 -26.67
CA ARG B 249 4.01 -20.46 -25.73
C ARG B 249 4.59 -19.71 -24.54
N GLY B 250 4.73 -18.40 -24.69
CA GLY B 250 5.27 -17.55 -23.64
C GLY B 250 6.70 -17.10 -23.92
N ASN B 251 7.24 -17.52 -25.05
CA ASN B 251 8.61 -17.19 -25.40
C ASN B 251 8.71 -15.86 -26.13
N ARG B 252 9.79 -15.13 -25.87
CA ARG B 252 9.99 -13.82 -26.49
C ARG B 252 10.34 -13.96 -27.96
N LEU B 253 9.94 -12.97 -28.76
CA LEU B 253 10.14 -13.01 -30.21
C LEU B 253 11.33 -12.16 -30.64
N GLY B 254 11.99 -11.53 -29.68
CA GLY B 254 13.11 -10.66 -29.98
C GLY B 254 12.68 -9.39 -30.71
N GLN B 255 11.52 -8.86 -30.34
CA GLN B 255 11.04 -7.61 -30.92
C GLN B 255 10.34 -6.78 -29.84
N ARG B 256 10.75 -5.51 -29.73
CA ARG B 256 10.15 -4.58 -28.76
C ARG B 256 9.11 -3.67 -29.40
N VAL B 257 8.07 -3.35 -28.65
CA VAL B 257 7.01 -2.45 -29.11
C VAL B 257 6.68 -1.42 -28.04
N PRO B 258 6.26 -0.22 -28.46
CA PRO B 258 6.10 0.88 -27.50
C PRO B 258 4.76 0.81 -26.77
N LYS B 259 4.78 1.26 -25.51
CA LYS B 259 3.56 1.36 -24.72
C LYS B 259 3.48 2.77 -24.17
N THR B 260 2.35 3.43 -24.34
CA THR B 260 2.18 4.73 -23.68
C THR B 260 1.21 4.67 -22.50
N VAL B 261 0.54 3.53 -22.31
CA VAL B 261 -0.29 3.35 -21.10
C VAL B 261 0.56 2.95 -19.88
N PRO B 262 0.03 3.15 -18.66
CA PRO B 262 0.85 2.91 -17.46
C PRO B 262 1.15 1.43 -17.19
N ASP B 263 2.26 1.19 -16.50
CA ASP B 263 2.60 -0.15 -16.02
C ASP B 263 2.56 -0.24 -14.49
N HIS B 264 2.24 0.86 -13.81
CA HIS B 264 2.05 0.77 -12.35
C HIS B 264 1.23 1.93 -11.83
N LEU B 265 0.42 1.64 -10.82
CA LEU B 265 -0.37 2.65 -10.16
C LEU B 265 -0.18 2.51 -8.67
N LEU B 266 0.18 3.62 -8.02
CA LEU B 266 0.16 3.71 -6.56
C LEU B 266 -0.99 4.62 -6.23
N PHE B 267 -1.86 4.18 -5.34
CA PHE B 267 -3.03 4.99 -5.01
C PHE B 267 -3.31 4.89 -3.54
N GLN B 268 -3.49 6.04 -2.91
CA GLN B 268 -3.84 6.02 -1.49
C GLN B 268 -4.88 7.07 -1.25
N GLY B 269 -5.77 6.85 -0.30
CA GLY B 269 -6.83 7.79 -0.06
C GLY B 269 -7.64 7.46 1.17
N THR B 270 -8.67 8.28 1.40
CA THR B 270 -9.51 8.13 2.58
C THR B 270 -10.96 8.02 2.15
N LEU B 271 -11.68 7.08 2.75
CA LEU B 271 -13.12 6.97 2.52
C LEU B 271 -13.85 8.06 3.28
N LEU B 272 -14.82 8.70 2.62
CA LEU B 272 -15.65 9.72 3.28
C LEU B 272 -16.25 9.23 4.60
N ASN B 273 -16.80 8.02 4.57
CA ASN B 273 -17.39 7.45 5.77
C ASN B 273 -16.34 6.86 6.70
N GLY B 274 -15.97 7.61 7.72
CA GLY B 274 -15.04 7.10 8.71
C GLY B 274 -13.61 7.53 8.45
N ASN B 275 -13.39 8.32 7.42
CA ASN B 275 -12.04 8.77 7.11
C ASN B 275 -11.09 7.57 7.05
N VAL B 276 -11.55 6.46 6.43
CA VAL B 276 -10.79 5.20 6.41
C VAL B 276 -9.59 5.27 5.46
N PRO B 277 -8.39 4.96 5.97
CA PRO B 277 -7.20 4.87 5.13
C PRO B 277 -7.31 3.69 4.16
N VAL B 278 -7.06 3.97 2.88
CA VAL B 278 -7.05 2.96 1.85
C VAL B 278 -5.72 3.05 1.12
N SER B 279 -5.01 1.93 1.02
CA SER B 279 -3.72 1.89 0.34
C SER B 279 -3.77 0.88 -0.81
N CYS B 280 -3.30 1.30 -1.97
N CYS B 280 -3.38 1.32 -2.00
CA CYS B 280 -3.47 0.48 -3.16
CA CYS B 280 -3.47 0.48 -3.19
C CYS B 280 -2.28 0.48 -4.10
C CYS B 280 -2.20 0.46 -4.00
N SER B 281 -1.90 -0.71 -4.55
CA SER B 281 -0.79 -0.85 -5.50
C SER B 281 -1.22 -1.80 -6.61
N PHE B 282 -1.21 -1.31 -7.85
CA PHE B 282 -1.46 -2.12 -9.03
C PHE B 282 -0.26 -2.23 -9.96
N LYS B 283 0.20 -3.45 -10.17
CA LYS B 283 1.27 -3.74 -11.11
C LYS B 283 0.70 -3.99 -12.50
N GLY B 284 1.46 -3.60 -13.50
CA GLY B 284 1.11 -3.79 -14.90
C GLY B 284 0.61 -5.10 -15.50
N GLY B 285 1.28 -6.24 -15.52
CA GLY B 285 2.48 -6.80 -14.98
C GLY B 285 1.90 -8.17 -14.59
N LYS B 289 6.61 -13.67 -9.00
CA LYS B 289 6.02 -14.89 -8.46
C LYS B 289 5.20 -15.70 -9.46
N LYS B 290 5.14 -17.01 -9.23
CA LYS B 290 4.49 -17.96 -10.13
C LYS B 290 3.11 -18.34 -9.59
N PHE B 291 3.02 -18.52 -8.28
CA PHE B 291 1.74 -18.79 -7.62
C PHE B 291 1.37 -17.64 -6.70
N THR B 292 1.12 -16.45 -7.23
CA THR B 292 0.52 -15.43 -6.37
C THR B 292 -0.98 -15.39 -6.52
N LYS B 293 -1.57 -14.42 -5.84
CA LYS B 293 -2.96 -14.04 -6.07
C LYS B 293 -2.98 -12.85 -7.03
N ASN B 294 -3.90 -12.88 -7.98
CA ASN B 294 -4.03 -11.83 -8.97
C ASN B 294 -4.55 -10.51 -8.39
N LEU B 295 -5.38 -10.62 -7.35
CA LEU B 295 -6.03 -9.49 -6.74
C LEU B 295 -6.30 -9.84 -5.28
N VAL B 296 -5.95 -8.93 -4.37
CA VAL B 296 -6.38 -9.09 -2.99
C VAL B 296 -6.85 -7.78 -2.43
N ILE B 297 -8.00 -7.84 -1.77
CA ILE B 297 -8.58 -6.70 -1.06
C ILE B 297 -8.70 -7.14 0.40
N ASP B 298 -7.94 -6.47 1.26
CA ASP B 298 -7.95 -6.73 2.70
C ASP B 298 -8.70 -5.62 3.40
N ILE B 299 -9.80 -5.95 4.05
CA ILE B 299 -10.56 -4.95 4.80
C ILE B 299 -10.44 -5.26 6.30
N HIS B 300 -9.82 -4.35 7.06
CA HIS B 300 -9.60 -4.62 8.49
C HIS B 300 -10.66 -3.89 9.30
N GLY B 301 -11.48 -4.66 10.00
CA GLY B 301 -12.56 -4.13 10.82
C GLY B 301 -12.20 -4.13 12.29
N THR B 302 -12.97 -3.44 13.11
CA THR B 302 -12.68 -3.44 14.55
C THR B 302 -13.04 -4.78 15.19
N LYS B 303 -13.94 -5.54 14.56
CA LYS B 303 -14.36 -6.84 15.09
C LYS B 303 -13.82 -8.05 14.33
N ARG B 304 -13.77 -7.95 13.00
CA ARG B 304 -13.30 -9.04 12.16
C ARG B 304 -12.57 -8.47 10.97
N ASP B 305 -11.75 -9.30 10.34
CA ASP B 305 -11.15 -8.94 9.06
C ASP B 305 -11.84 -9.70 7.95
N LEU B 306 -11.90 -9.07 6.78
CA LEU B 306 -12.51 -9.66 5.60
C LEU B 306 -11.45 -9.58 4.50
N LYS B 307 -11.31 -10.64 3.73
CA LYS B 307 -10.39 -10.67 2.60
C LYS B 307 -11.03 -11.29 1.36
N LEU B 308 -10.95 -10.57 0.25
CA LEU B 308 -11.39 -11.11 -1.04
C LEU B 308 -10.17 -11.35 -1.89
N GLU B 309 -10.06 -12.50 -2.53
CA GLU B 309 -8.92 -12.77 -3.40
C GLU B 309 -9.37 -13.34 -4.71
N GLY B 310 -8.47 -13.27 -5.70
CA GLY B 310 -8.72 -13.94 -6.97
C GLY B 310 -7.48 -14.11 -7.82
N ASP B 311 -7.63 -14.94 -8.86
CA ASP B 311 -6.80 -14.95 -10.05
C ASP B 311 -7.90 -14.94 -11.10
N GLU B 316 -10.32 -11.41 -11.01
CA GLU B 316 -11.76 -11.54 -10.87
C GLU B 316 -11.76 -11.87 -9.39
N ILE B 317 -12.91 -11.84 -8.71
CA ILE B 317 -12.92 -12.30 -7.32
C ILE B 317 -13.41 -13.72 -7.28
N SER B 318 -12.69 -14.58 -6.57
CA SER B 318 -13.00 -15.99 -6.57
C SER B 318 -12.99 -16.58 -5.16
N ASN B 319 -12.73 -15.75 -4.16
CA ASN B 319 -12.68 -16.22 -2.78
C ASN B 319 -12.96 -15.12 -1.75
N LEU B 320 -13.80 -15.42 -0.77
CA LEU B 320 -14.07 -14.51 0.35
C LEU B 320 -13.79 -15.20 1.70
N VAL B 321 -12.97 -14.55 2.51
CA VAL B 321 -12.58 -15.09 3.81
C VAL B 321 -12.86 -14.09 4.93
N LEU B 322 -13.43 -14.59 6.03
CA LEU B 322 -13.67 -13.79 7.23
C LEU B 322 -12.95 -14.41 8.40
N TYR B 323 -12.31 -13.54 9.18
CA TYR B 323 -11.45 -13.98 10.29
C TYR B 323 -11.82 -13.25 11.56
N TYR B 324 -11.97 -14.02 12.63
CA TYR B 324 -12.24 -13.49 13.95
C TYR B 324 -11.21 -14.04 14.93
N SER B 325 -10.90 -13.27 15.98
CA SER B 325 -10.00 -13.75 17.02
C SER B 325 -10.41 -13.36 18.45
N GLY B 345 -5.41 -24.18 30.97
CA GLY B 345 -5.57 -23.80 32.37
C GLY B 345 -5.36 -22.30 32.46
N TYR B 346 -4.40 -21.81 31.68
CA TYR B 346 -4.16 -20.38 31.56
C TYR B 346 -5.22 -19.81 30.62
N ASP B 347 -5.05 -18.58 30.14
CA ASP B 347 -6.12 -17.93 29.38
C ASP B 347 -6.17 -18.29 27.89
N ALA B 348 -7.35 -18.77 27.47
CA ALA B 348 -7.54 -19.43 26.19
C ALA B 348 -7.66 -18.49 24.99
N GLY B 349 -7.53 -19.05 23.80
CA GLY B 349 -7.63 -18.30 22.56
C GLY B 349 -8.44 -19.02 21.49
N LYS B 350 -9.36 -18.29 20.87
CA LYS B 350 -10.22 -18.88 19.86
C LYS B 350 -10.16 -18.10 18.55
N GLU B 351 -9.67 -18.76 17.52
CA GLU B 351 -9.68 -18.17 16.18
C GLU B 351 -10.74 -18.87 15.33
N ILE B 352 -11.40 -18.09 14.49
CA ILE B 352 -12.40 -18.63 13.58
C ILE B 352 -12.21 -18.06 12.19
N MET B 353 -12.04 -18.96 11.25
CA MET B 353 -11.92 -18.57 9.85
C MET B 353 -13.12 -19.13 9.13
N GLU B 354 -13.81 -18.29 8.38
CA GLU B 354 -14.86 -18.77 7.48
C GLU B 354 -14.45 -18.48 6.06
N VAL B 355 -14.63 -19.48 5.19
CA VAL B 355 -14.31 -19.32 3.78
C VAL B 355 -15.56 -19.48 2.96
N TYR B 356 -15.80 -18.55 2.06
CA TYR B 356 -16.93 -18.63 1.15
C TYR B 356 -16.37 -18.78 -0.26
N HIS B 357 -16.63 -19.91 -0.89
CA HIS B 357 -16.04 -20.19 -2.18
C HIS B 357 -16.94 -21.08 -3.02
N LEU B 358 -17.43 -20.54 -4.14
CA LEU B 358 -18.26 -21.29 -5.08
C LEU B 358 -17.37 -21.90 -6.14
N ARG B 359 -17.07 -23.18 -5.98
CA ARG B 359 -16.23 -23.90 -6.92
C ARG B 359 -16.97 -24.05 -8.25
N ASN B 360 -16.23 -23.89 -9.34
CA ASN B 360 -16.81 -23.98 -10.67
C ASN B 360 -17.71 -22.80 -11.02
N TYR B 361 -17.53 -21.68 -10.34
CA TYR B 361 -18.26 -20.47 -10.72
C TYR B 361 -17.49 -19.75 -11.80
N ASN B 362 -18.16 -19.48 -12.92
CA ASN B 362 -17.56 -18.71 -13.99
C ASN B 362 -17.90 -17.25 -13.78
N ALA B 363 -16.98 -16.51 -13.18
CA ALA B 363 -17.23 -15.14 -12.81
C ALA B 363 -17.49 -14.32 -14.05
N ILE B 364 -16.70 -14.61 -15.08
CA ILE B 364 -16.78 -13.92 -16.36
C ILE B 364 -18.21 -13.81 -16.88
N VAL B 365 -18.83 -14.97 -17.09
CA VAL B 365 -20.19 -15.03 -17.60
C VAL B 365 -21.20 -14.89 -16.46
N GLY B 366 -20.88 -15.48 -15.31
CA GLY B 366 -21.73 -15.39 -14.15
C GLY B 366 -22.08 -13.96 -13.81
N ASN B 367 -21.06 -13.12 -13.66
CA ASN B 367 -21.32 -11.76 -13.23
C ASN B 367 -22.20 -11.00 -14.21
N ILE B 368 -21.88 -11.12 -15.50
CA ILE B 368 -22.71 -10.48 -16.51
C ILE B 368 -24.11 -11.09 -16.52
N HIS B 369 -24.20 -12.37 -16.22
CA HIS B 369 -25.50 -13.03 -16.22
C HIS B 369 -26.38 -12.42 -15.14
N ARG B 370 -25.77 -12.22 -13.97
CA ARG B 370 -26.49 -11.73 -12.80
C ARG B 370 -26.89 -10.27 -12.99
N LEU B 371 -26.15 -9.58 -13.83
CA LEU B 371 -26.50 -8.21 -14.20
C LEU B 371 -27.78 -8.19 -15.05
N TYR B 372 -27.81 -9.04 -16.07
CA TYR B 372 -29.00 -9.19 -16.90
C TYR B 372 -30.20 -9.58 -16.06
N GLN B 373 -30.00 -10.53 -15.15
CA GLN B 373 -31.08 -10.98 -14.28
C GLN B 373 -31.63 -9.81 -13.47
N SER B 374 -30.74 -9.00 -12.91
CA SER B 374 -31.17 -7.88 -12.08
C SER B 374 -31.94 -6.85 -12.90
N ILE B 375 -31.68 -6.83 -14.20
CA ILE B 375 -32.37 -5.91 -15.10
C ILE B 375 -33.84 -6.31 -15.28
N SER B 376 -34.08 -7.54 -15.73
CA SER B 376 -35.43 -8.01 -15.95
C SER B 376 -36.25 -8.00 -14.66
N ASP B 377 -35.62 -8.34 -13.55
CA ASP B 377 -36.30 -8.33 -12.26
C ASP B 377 -36.79 -6.94 -11.91
N PHE B 378 -35.99 -5.94 -12.26
CA PHE B 378 -36.43 -4.56 -12.16
C PHE B 378 -37.56 -4.36 -13.16
N HIS B 379 -37.32 -4.85 -14.37
CA HIS B 379 -38.23 -4.59 -15.48
C HIS B 379 -39.57 -5.28 -15.33
N PHE B 380 -39.57 -6.45 -14.70
CA PHE B 380 -40.79 -7.23 -14.54
C PHE B 380 -41.25 -7.21 -13.09
N ASN B 381 -40.50 -6.51 -12.25
CA ASN B 381 -40.86 -6.39 -10.85
C ASN B 381 -41.08 -7.75 -10.21
N THR B 382 -40.06 -8.61 -10.29
CA THR B 382 -40.16 -9.98 -9.77
C THR B 382 -40.29 -9.99 -8.25
N LYS B 383 -39.91 -8.89 -7.61
CA LYS B 383 -40.11 -8.73 -6.17
C LYS B 383 -41.51 -8.21 -5.88
N LYS B 384 -42.21 -7.84 -6.95
CA LYS B 384 -43.60 -7.39 -6.88
C LYS B 384 -43.87 -6.32 -5.82
N ILE B 385 -42.84 -5.53 -5.51
CA ILE B 385 -42.98 -4.46 -4.52
C ILE B 385 -43.24 -3.11 -5.19
N PRO B 386 -44.50 -2.64 -5.14
CA PRO B 386 -44.83 -1.30 -5.62
C PRO B 386 -44.71 -0.33 -4.46
N GLU B 387 -44.71 0.97 -4.75
CA GLU B 387 -44.69 1.48 -6.10
C GLU B 387 -43.29 1.97 -6.44
N LEU B 388 -42.73 1.46 -7.52
CA LEU B 388 -41.38 1.84 -7.92
C LEU B 388 -41.33 2.28 -9.38
N PRO B 389 -40.87 3.52 -9.62
CA PRO B 389 -40.83 4.09 -10.96
C PRO B 389 -40.11 3.17 -11.94
N SER B 390 -40.31 3.40 -13.22
CA SER B 390 -39.68 2.58 -14.24
C SER B 390 -38.29 3.12 -14.56
N GLN B 391 -37.74 3.90 -13.64
CA GLN B 391 -36.49 4.57 -13.92
C GLN B 391 -35.85 5.22 -12.70
N PHE B 392 -34.55 5.00 -12.54
CA PHE B 392 -33.78 5.57 -11.46
C PHE B 392 -32.47 6.11 -11.99
N VAL B 393 -31.95 7.15 -11.35
CA VAL B 393 -30.75 7.84 -11.81
C VAL B 393 -29.48 7.01 -11.64
N MET B 394 -29.35 6.35 -10.50
CA MET B 394 -28.13 5.63 -10.20
C MET B 394 -28.37 4.57 -9.15
N GLN B 395 -27.56 3.51 -9.17
CA GLN B 395 -27.68 2.48 -8.17
C GLN B 395 -27.12 3.01 -6.86
N GLY B 396 -26.04 3.78 -6.96
CA GLY B 396 -25.35 4.25 -5.78
C GLY B 396 -24.83 3.08 -4.98
N PHE B 397 -25.12 3.07 -3.69
CA PHE B 397 -24.72 1.98 -2.83
C PHE B 397 -25.85 0.99 -2.57
N ASP B 398 -26.94 1.11 -3.32
CA ASP B 398 -28.07 0.22 -3.15
C ASP B 398 -27.77 -1.20 -3.58
N PHE B 399 -28.27 -2.18 -2.82
CA PHE B 399 -28.21 -3.58 -3.23
C PHE B 399 -29.05 -3.75 -4.51
N GLU B 400 -30.12 -2.98 -4.57
CA GLU B 400 -31.14 -3.04 -5.62
C GLU B 400 -30.70 -2.46 -6.95
N GLY B 401 -31.35 -2.92 -8.00
CA GLY B 401 -31.19 -2.35 -9.31
C GLY B 401 -29.89 -2.78 -9.94
N PHE B 402 -29.20 -1.82 -10.54
CA PHE B 402 -28.01 -2.09 -11.32
C PHE B 402 -27.39 -0.73 -11.59
N PRO B 403 -26.08 -0.70 -11.82
CA PRO B 403 -25.37 0.57 -12.01
C PRO B 403 -25.73 1.17 -13.36
N THR B 404 -25.76 2.49 -13.42
CA THR B 404 -26.19 3.21 -14.60
C THR B 404 -25.03 4.04 -15.13
N LEU B 405 -25.29 4.78 -16.20
CA LEU B 405 -24.30 5.68 -16.74
C LEU B 405 -23.89 6.78 -15.74
N MET B 406 -24.74 7.08 -14.77
CA MET B 406 -24.34 8.02 -13.73
C MET B 406 -23.28 7.42 -12.81
N ASP B 407 -23.44 6.15 -12.48
CA ASP B 407 -22.41 5.44 -11.72
C ASP B 407 -21.12 5.42 -12.54
N ALA B 408 -21.24 5.21 -13.84
CA ALA B 408 -20.08 5.26 -14.73
C ALA B 408 -19.43 6.64 -14.69
N LEU B 409 -20.25 7.68 -14.77
CA LEU B 409 -19.75 9.05 -14.82
C LEU B 409 -18.94 9.38 -13.56
N ILE B 410 -19.50 9.05 -12.41
CA ILE B 410 -18.81 9.28 -11.15
C ILE B 410 -17.47 8.55 -11.11
N LEU B 411 -17.43 7.32 -11.61
CA LEU B 411 -16.19 6.56 -11.69
C LEU B 411 -15.19 7.28 -12.61
N HIS B 412 -15.69 7.76 -13.76
CA HIS B 412 -14.83 8.52 -14.65
C HIS B 412 -14.23 9.75 -13.96
N ARG B 413 -15.03 10.42 -13.13
CA ARG B 413 -14.52 11.59 -12.40
C ARG B 413 -13.40 11.18 -11.49
N LEU B 414 -13.54 10.00 -10.89
CA LEU B 414 -12.50 9.49 -10.01
C LEU B 414 -11.24 9.14 -10.80
N ILE B 415 -11.41 8.49 -11.94
CA ILE B 415 -10.27 8.14 -12.77
C ILE B 415 -9.58 9.42 -13.27
N GLU B 416 -10.39 10.37 -13.72
CA GLU B 416 -9.83 11.65 -14.15
C GLU B 416 -8.97 12.21 -13.04
N SER B 417 -9.48 12.16 -11.82
CA SER B 417 -8.76 12.70 -10.65
C SER B 417 -7.49 11.94 -10.31
N VAL B 418 -7.50 10.62 -10.48
CA VAL B 418 -6.25 9.88 -10.30
C VAL B 418 -5.14 10.47 -11.20
N TYR B 419 -5.44 10.63 -12.48
CA TYR B 419 -4.48 11.22 -13.41
C TYR B 419 -4.09 12.67 -13.09
N LYS B 420 -5.05 13.46 -12.60
CA LYS B 420 -4.76 14.85 -12.19
C LYS B 420 -3.77 14.85 -11.05
N SER B 421 -4.06 14.04 -10.02
CA SER B 421 -3.22 13.93 -8.86
C SER B 421 -1.77 13.65 -9.22
N ASN B 422 -1.57 12.68 -10.10
CA ASN B 422 -0.25 12.35 -10.58
C ASN B 422 0.43 13.54 -11.30
N MET B 423 -0.29 14.21 -12.17
CA MET B 423 0.36 15.26 -12.96
C MET B 423 0.68 16.46 -12.08
N MET B 424 -0.28 16.88 -11.26
CA MET B 424 -0.08 17.99 -10.32
C MET B 424 0.79 17.63 -9.13
N GLY B 425 0.97 16.34 -8.89
CA GLY B 425 1.67 15.94 -7.69
C GLY B 425 0.94 16.47 -6.45
N SER B 426 -0.38 16.50 -6.49
CA SER B 426 -1.14 16.89 -5.31
C SER B 426 -2.15 15.87 -4.83
N THR B 427 -2.43 15.92 -3.54
CA THR B 427 -3.53 15.21 -2.94
C THR B 427 -4.82 15.99 -3.22
N LEU B 428 -5.76 15.34 -3.89
CA LEU B 428 -6.98 16.01 -4.33
C LEU B 428 -8.20 15.69 -3.48
N ASN B 429 -9.00 16.71 -3.21
CA ASN B 429 -10.29 16.52 -2.57
C ASN B 429 -11.35 16.14 -3.60
N VAL B 430 -11.81 14.90 -3.55
CA VAL B 430 -12.77 14.41 -4.55
C VAL B 430 -14.17 14.24 -3.95
N SER B 431 -14.37 14.81 -2.78
CA SER B 431 -15.64 14.69 -2.05
C SER B 431 -16.90 14.96 -2.88
N ASN B 432 -16.84 15.92 -3.80
CA ASN B 432 -18.05 16.35 -4.52
C ASN B 432 -18.26 15.68 -5.88
N ILE B 433 -17.41 14.72 -6.25
CA ILE B 433 -17.46 14.20 -7.60
C ILE B 433 -18.76 13.46 -7.92
N SER B 434 -19.50 13.07 -6.89
CA SER B 434 -20.76 12.37 -7.12
C SER B 434 -22.00 13.25 -6.96
N HIS B 435 -22.13 14.32 -7.73
CA HIS B 435 -23.28 15.20 -7.51
C HIS B 435 -24.33 15.36 -8.62
N TYR B 436 -23.92 15.63 -9.85
CA TYR B 436 -24.90 15.76 -10.94
C TYR B 436 -24.37 15.21 -12.26
#